data_4HM8
#
_entry.id   4HM8
#
_cell.length_a   140.236
_cell.length_b   140.236
_cell.length_c   208.290
_cell.angle_alpha   90.000
_cell.angle_beta   90.000
_cell.angle_gamma   120.000
#
_symmetry.space_group_name_H-M   'H 3 2'
#
loop_
_entity.id
_entity.type
_entity.pdbx_description
1 polymer 'Naphthalene 1,2-dioxygenase subunit alpha'
2 polymer 'Naphthalene 1,2-dioxygenase subunit beta'
3 non-polymer 1,2-ETHANEDIOL
4 non-polymer 'SULFATE ION'
5 non-polymer 'FE2/S2 (INORGANIC) CLUSTER'
6 non-polymer 'FE (III) ION'
7 non-polymer (methylsulfanyl)benzene
8 water water
#
loop_
_entity_poly.entity_id
_entity_poly.type
_entity_poly.pdbx_seq_one_letter_code
_entity_poly.pdbx_strand_id
1 'polypeptide(L)'
;MNYNNKILVSESGLSQKHLIHGDEELFQHELKTIFARNWLFLTHDSLIPAPGDYVTAKMGIDEVIVSRQNDGSIRAFLNV
CRHRGKTLVSVEAGNAKGFVCSYHGWGFGSNGELQSVPFEKDLYGESLNKKCLGLKEVARVESFHGFIYGCFDQEAPPLM
DYLGDAAWYLEPMFKHSGGLELVGPPGKVVIKANWKAPAENFVGDAYHVGWTHASSLRSGESIFSSLAGNAALPPEGAGL
QMTSKYGSGMGVLWDGYSGVHSADLVPELMAFGGAKQERLNKEIGDVRARIYRSHLNCTVFPNNSMLTCSGVFKVWNPID
ANTTEVWTYAIVEKDMPEDLKRRLADSVQRTFGPAGFWESDDNDNMETASQNGKKYQSRDSDLLSNLGFGEDVYGDAVYP
GVVGKSAIGETSYRGFYRAYQAHVSSSNWAEFEHASSTWHTELTKTTDR
;
A
2 'polypeptide(L)'
;MMINIQEDKLVSAHDAEEILRFFNCHDSALQQEATTLLTQEAHLLDIQAYRAWLEHCVGSEVQYQVISRELRAASERRYK
LNEAMNVYNENFQQLKVRVEHQLDPQNWGNSPKLRFTRFITNVQAAMDVNDKELLHIRSNVILHRARRGNQVDVFYAARE
DKWKRGEGGVRKLVQRFVDYPERILQTHNLMVFL
;
B
#
# COMPACT_ATOMS: atom_id res chain seq x y z
N MET A 1 -3.85 -28.99 15.21
CA MET A 1 -5.19 -28.42 15.34
C MET A 1 -6.12 -28.99 14.25
N ASN A 2 -7.31 -29.40 14.63
CA ASN A 2 -8.28 -29.94 13.67
C ASN A 2 -9.15 -28.82 13.13
N TYR A 3 -8.91 -28.39 11.88
CA TYR A 3 -9.61 -27.23 11.35
C TYR A 3 -11.07 -27.48 11.01
N ASN A 4 -11.45 -28.76 10.91
CA ASN A 4 -12.87 -29.09 10.73
C ASN A 4 -13.69 -28.79 11.96
N ASN A 5 -13.09 -28.96 13.13
CA ASN A 5 -13.79 -28.89 14.41
C ASN A 5 -13.50 -27.65 15.24
N LYS A 6 -12.27 -27.16 15.17
CA LYS A 6 -11.86 -26.04 16.03
C LYS A 6 -12.69 -24.80 15.78
N ILE A 7 -13.31 -24.27 16.83
CA ILE A 7 -14.06 -23.03 16.71
C ILE A 7 -13.07 -21.88 16.85
N LEU A 8 -12.59 -21.36 15.72
CA LEU A 8 -11.69 -20.21 15.71
C LEU A 8 -12.46 -18.91 15.71
N VAL A 9 -13.66 -18.94 15.11
CA VAL A 9 -14.57 -17.80 15.09
C VAL A 9 -15.89 -18.28 15.65
N SER A 10 -16.43 -17.58 16.64
CA SER A 10 -17.66 -18.03 17.27
C SER A 10 -18.87 -17.69 16.41
N GLU A 11 -20.02 -18.27 16.75
CA GLU A 11 -21.25 -18.05 16.00
C GLU A 11 -21.50 -16.55 15.78
N SER A 12 -21.95 -16.23 14.58
CA SER A 12 -22.27 -14.86 14.16
C SER A 12 -21.04 -13.97 14.05
N GLY A 13 -19.86 -14.57 14.11
CA GLY A 13 -18.63 -13.80 13.98
C GLY A 13 -18.36 -12.91 15.19
N LEU A 14 -18.96 -13.24 16.33
CA LEU A 14 -18.92 -12.36 17.50
C LEU A 14 -17.56 -12.27 18.18
N SER A 15 -16.72 -13.28 17.98
CA SER A 15 -15.38 -13.27 18.53
C SER A 15 -14.49 -14.20 17.75
N GLN A 16 -13.17 -14.01 17.91
CA GLN A 16 -12.18 -14.88 17.29
C GLN A 16 -11.10 -15.21 18.31
N LYS A 17 -10.57 -16.42 18.24
CA LYS A 17 -9.44 -16.77 19.10
C LYS A 17 -8.21 -15.94 18.69
N HIS A 18 -7.53 -15.37 19.68
CA HIS A 18 -6.41 -14.48 19.44
C HIS A 18 -5.29 -15.20 18.69
N LEU A 19 -5.16 -16.52 18.89
CA LEU A 19 -4.16 -17.29 18.16
C LEU A 19 -4.25 -17.15 16.64
N ILE A 20 -5.39 -16.75 16.09
CA ILE A 20 -5.46 -16.64 14.63
C ILE A 20 -4.46 -15.62 14.09
N HIS A 21 -4.02 -14.66 14.90
CA HIS A 21 -3.03 -13.68 14.44
C HIS A 21 -1.59 -14.15 14.66
N GLY A 22 -1.40 -15.27 15.33
CA GLY A 22 -0.06 -15.70 15.69
C GLY A 22 0.36 -17.10 15.28
N ASP A 23 -0.59 -17.98 14.98
CA ASP A 23 -0.30 -19.40 14.88
C ASP A 23 0.26 -19.74 13.49
N GLU A 24 1.49 -20.24 13.42
CA GLU A 24 2.14 -20.51 12.14
C GLU A 24 1.53 -21.72 11.43
N GLU A 25 1.05 -22.71 12.19
CA GLU A 25 0.38 -23.84 11.55
C GLU A 25 -0.89 -23.37 10.84
N LEU A 26 -1.62 -22.45 11.47
CA LEU A 26 -2.81 -21.90 10.85
C LEU A 26 -2.45 -21.04 9.65
N PHE A 27 -1.35 -20.29 9.73
CA PHE A 27 -0.88 -19.52 8.57
C PHE A 27 -0.67 -20.48 7.39
N GLN A 28 0.04 -21.57 7.63
CA GLN A 28 0.27 -22.56 6.57
C GLN A 28 -1.06 -23.09 6.03
N HIS A 29 -2.02 -23.32 6.92
CA HIS A 29 -3.33 -23.79 6.51
C HIS A 29 -4.07 -22.73 5.69
N GLU A 30 -3.89 -21.45 6.02
CA GLU A 30 -4.47 -20.36 5.25
C GLU A 30 -3.92 -20.30 3.84
N LEU A 31 -2.68 -20.71 3.65
CA LEU A 31 -2.12 -20.71 2.29
C LEU A 31 -3.00 -21.59 1.38
N LYS A 32 -3.45 -22.72 1.92
CA LYS A 32 -4.32 -23.62 1.18
C LYS A 32 -5.78 -23.15 1.11
N THR A 33 -6.35 -22.79 2.26
CA THR A 33 -7.81 -22.58 2.36
C THR A 33 -8.26 -21.14 2.14
N ILE A 34 -7.31 -20.19 2.25
CA ILE A 34 -7.62 -18.79 1.98
C ILE A 34 -6.96 -18.34 0.68
N PHE A 35 -5.64 -18.39 0.62
CA PHE A 35 -4.93 -17.80 -0.52
C PHE A 35 -4.96 -18.60 -1.82
N ALA A 36 -4.97 -19.92 -1.75
CA ALA A 36 -5.04 -20.75 -2.95
C ALA A 36 -6.48 -20.89 -3.45
N ARG A 37 -7.43 -20.42 -2.65
CA ARG A 37 -8.84 -20.62 -2.94
C ARG A 37 -9.59 -19.38 -3.42
N ASN A 38 -9.14 -18.22 -2.96
CA ASN A 38 -9.90 -16.99 -3.14
C ASN A 38 -9.29 -16.04 -4.18
N TRP A 39 -10.01 -14.96 -4.51
CA TRP A 39 -9.55 -13.99 -5.49
C TRP A 39 -8.59 -13.00 -4.84
N LEU A 40 -7.44 -12.80 -5.48
CA LEU A 40 -6.36 -11.96 -4.96
C LEU A 40 -6.01 -10.87 -5.97
N PHE A 41 -5.74 -9.65 -5.47
CA PHE A 41 -5.45 -8.56 -6.38
C PHE A 41 -4.10 -8.69 -7.06
N LEU A 42 -4.06 -8.48 -8.38
CA LEU A 42 -2.82 -8.57 -9.15
C LEU A 42 -2.31 -7.21 -9.61
N THR A 43 -3.11 -6.52 -10.42
CA THR A 43 -2.66 -5.29 -11.05
C THR A 43 -3.86 -4.54 -11.62
N HIS A 44 -3.59 -3.46 -12.34
CA HIS A 44 -4.64 -2.72 -13.03
C HIS A 44 -4.28 -2.61 -14.50
N ASP A 45 -5.31 -2.53 -15.36
CA ASP A 45 -5.10 -2.27 -16.79
C ASP A 45 -4.12 -1.12 -17.04
N SER A 46 -4.19 -0.08 -16.21
CA SER A 46 -3.37 1.12 -16.38
C SER A 46 -1.89 0.86 -16.18
N LEU A 47 -1.55 -0.25 -15.53
CA LEU A 47 -0.15 -0.60 -15.29
C LEU A 47 0.42 -1.55 -16.34
N ILE A 48 -0.46 -2.28 -17.02
CA ILE A 48 -0.03 -3.14 -18.12
C ILE A 48 -0.92 -2.94 -19.36
N PRO A 49 -0.95 -1.71 -19.90
CA PRO A 49 -1.94 -1.44 -20.94
C PRO A 49 -1.62 -2.00 -22.32
N ALA A 50 -0.33 -2.18 -22.64
CA ALA A 50 0.07 -2.53 -24.00
C ALA A 50 0.52 -3.98 -24.10
N PRO A 51 0.38 -4.59 -25.29
CA PRO A 51 0.85 -5.97 -25.47
C PRO A 51 2.30 -6.14 -25.04
N GLY A 52 2.57 -7.15 -24.23
CA GLY A 52 3.91 -7.42 -23.75
C GLY A 52 4.21 -6.77 -22.41
N ASP A 53 3.38 -5.81 -22.00
CA ASP A 53 3.58 -5.23 -20.67
C ASP A 53 3.37 -6.31 -19.61
N TYR A 54 4.21 -6.31 -18.58
CA TYR A 54 4.03 -7.25 -17.47
C TYR A 54 4.39 -6.62 -16.15
N VAL A 55 3.86 -7.22 -15.07
CA VAL A 55 4.32 -6.91 -13.72
C VAL A 55 4.47 -8.22 -12.97
N THR A 56 5.24 -8.19 -11.88
CA THR A 56 5.18 -9.31 -10.94
C THR A 56 4.25 -8.96 -9.79
N ALA A 57 3.61 -9.97 -9.22
CA ALA A 57 2.70 -9.77 -8.09
C ALA A 57 2.82 -10.97 -7.17
N LYS A 58 2.48 -10.78 -5.90
CA LYS A 58 2.35 -11.91 -5.00
C LYS A 58 0.91 -12.38 -5.00
N MET A 59 0.74 -13.70 -4.90
CA MET A 59 -0.55 -14.34 -4.62
C MET A 59 -0.29 -15.25 -3.44
N GLY A 60 -0.71 -14.82 -2.24
CA GLY A 60 -0.21 -15.48 -1.04
C GLY A 60 1.30 -15.33 -0.97
N ILE A 61 2.00 -16.42 -0.71
CA ILE A 61 3.46 -16.39 -0.71
C ILE A 61 4.09 -16.69 -2.07
N ASP A 62 3.24 -17.05 -3.03
CA ASP A 62 3.72 -17.32 -4.38
C ASP A 62 3.92 -16.03 -5.17
N GLU A 63 4.84 -16.05 -6.12
CA GLU A 63 5.00 -14.91 -7.01
C GLU A 63 4.58 -15.27 -8.42
N VAL A 64 3.85 -14.37 -9.06
CA VAL A 64 3.39 -14.59 -10.43
C VAL A 64 3.83 -13.46 -11.37
N ILE A 65 3.92 -13.79 -12.65
CA ILE A 65 4.13 -12.83 -13.71
C ILE A 65 2.75 -12.59 -14.33
N VAL A 66 2.35 -11.33 -14.48
CA VAL A 66 1.04 -10.98 -15.00
C VAL A 66 1.27 -10.22 -16.30
N SER A 67 0.83 -10.79 -17.42
CA SER A 67 1.23 -10.30 -18.73
C SER A 67 0.07 -9.99 -19.68
N ARG A 68 0.15 -8.83 -20.32
CA ARG A 68 -0.80 -8.45 -21.37
C ARG A 68 -0.49 -9.23 -22.64
N GLN A 69 -1.46 -10.03 -23.08
CA GLN A 69 -1.32 -10.85 -24.27
C GLN A 69 -1.57 -10.03 -25.54
N ASN A 70 -1.16 -10.58 -26.68
CA ASN A 70 -1.35 -9.87 -27.94
C ASN A 70 -2.82 -9.65 -28.28
N ASP A 71 -3.69 -10.52 -27.77
CA ASP A 71 -5.11 -10.44 -28.07
C ASP A 71 -5.86 -9.51 -27.11
N GLY A 72 -5.10 -8.88 -26.22
CA GLY A 72 -5.68 -7.91 -25.30
C GLY A 72 -6.08 -8.46 -23.95
N SER A 73 -6.07 -9.79 -23.83
CA SER A 73 -6.36 -10.43 -22.55
C SER A 73 -5.15 -10.38 -21.62
N ILE A 74 -5.33 -10.83 -20.39
CA ILE A 74 -4.24 -10.91 -19.44
C ILE A 74 -4.14 -12.34 -18.94
N ARG A 75 -2.91 -12.88 -18.93
CA ARG A 75 -2.68 -14.20 -18.34
C ARG A 75 -1.60 -14.08 -17.28
N ALA A 76 -1.65 -14.95 -16.28
CA ALA A 76 -0.69 -14.92 -15.19
C ALA A 76 -0.12 -16.30 -14.94
N PHE A 77 1.17 -16.34 -14.61
CA PHE A 77 1.92 -17.58 -14.48
C PHE A 77 2.84 -17.53 -13.27
N LEU A 78 3.10 -18.70 -12.67
CA LEU A 78 4.09 -18.78 -11.61
C LEU A 78 5.44 -18.29 -12.13
N ASN A 79 6.11 -17.47 -11.32
CA ASN A 79 7.42 -16.93 -11.68
C ASN A 79 8.52 -17.95 -11.37
N VAL A 80 8.40 -19.13 -11.96
CA VAL A 80 9.24 -20.27 -11.63
C VAL A 80 9.51 -21.07 -12.89
N CYS A 81 10.78 -21.27 -13.21
CA CYS A 81 11.17 -22.00 -14.41
C CYS A 81 10.78 -23.48 -14.33
N ARG A 82 10.28 -24.02 -15.43
CA ARG A 82 9.80 -25.41 -15.48
C ARG A 82 10.94 -26.43 -15.54
N HIS A 83 12.18 -25.97 -15.67
CA HIS A 83 13.30 -26.89 -15.73
C HIS A 83 13.73 -27.23 -14.31
N ARG A 84 14.52 -26.38 -13.69
CA ARG A 84 14.93 -26.63 -12.31
C ARG A 84 14.59 -25.56 -11.29
N GLY A 85 13.53 -24.81 -11.58
CA GLY A 85 12.81 -24.07 -10.56
C GLY A 85 13.34 -22.72 -10.19
N LYS A 86 14.23 -22.17 -11.02
CA LYS A 86 14.79 -20.84 -10.78
C LYS A 86 13.73 -19.75 -10.98
N THR A 87 13.85 -18.65 -10.24
CA THR A 87 12.93 -17.54 -10.45
C THR A 87 13.18 -16.87 -11.80
N LEU A 88 12.15 -16.79 -12.63
CA LEU A 88 12.32 -16.35 -14.01
C LEU A 88 12.58 -14.84 -14.11
N VAL A 89 11.73 -14.06 -13.47
CA VAL A 89 11.74 -12.61 -13.61
C VAL A 89 12.15 -11.94 -12.29
N SER A 90 13.14 -11.07 -12.36
CA SER A 90 13.69 -10.45 -11.16
C SER A 90 13.32 -8.98 -11.02
N VAL A 91 12.58 -8.46 -12.00
CA VAL A 91 12.14 -7.07 -11.96
C VAL A 91 10.67 -7.01 -11.60
N GLU A 92 10.17 -5.78 -11.39
CA GLU A 92 8.80 -5.60 -10.92
C GLU A 92 7.84 -5.28 -12.07
N ALA A 93 8.36 -4.70 -13.16
CA ALA A 93 7.53 -4.33 -14.30
C ALA A 93 8.39 -4.17 -15.55
N GLY A 94 7.79 -4.31 -16.72
CA GLY A 94 8.50 -4.09 -17.95
C GLY A 94 7.65 -4.44 -19.16
N ASN A 95 8.32 -4.50 -20.31
CA ASN A 95 7.67 -4.95 -21.53
C ASN A 95 8.57 -5.95 -22.24
N ALA A 96 8.03 -7.12 -22.57
CA ALA A 96 8.81 -8.16 -23.24
C ALA A 96 7.89 -9.15 -23.94
N LYS A 97 8.42 -9.83 -24.94
CA LYS A 97 7.67 -10.88 -25.63
C LYS A 97 7.86 -12.22 -24.97
N GLY A 98 8.76 -12.26 -23.99
CA GLY A 98 9.05 -13.50 -23.30
C GLY A 98 10.06 -13.31 -22.20
N PHE A 99 10.36 -14.41 -21.53
CA PHE A 99 11.22 -14.42 -20.36
C PHE A 99 12.21 -15.57 -20.47
N VAL A 100 13.50 -15.24 -20.36
CA VAL A 100 14.55 -16.24 -20.48
C VAL A 100 15.15 -16.52 -19.11
N CYS A 101 15.27 -17.81 -18.78
CA CYS A 101 15.84 -18.18 -17.50
C CYS A 101 17.36 -18.02 -17.47
N SER A 102 17.87 -17.37 -16.42
CA SER A 102 19.31 -17.11 -16.30
C SER A 102 20.13 -18.33 -15.90
N TYR A 103 19.48 -19.46 -15.63
CA TYR A 103 20.22 -20.66 -15.24
C TYR A 103 20.71 -21.42 -16.49
N HIS A 104 19.77 -22.04 -17.23
CA HIS A 104 20.14 -22.77 -18.44
C HIS A 104 19.53 -22.18 -19.71
N GLY A 105 18.93 -20.99 -19.61
CA GLY A 105 18.58 -20.25 -20.80
C GLY A 105 17.29 -20.65 -21.50
N TRP A 106 16.43 -21.42 -20.82
CA TRP A 106 15.12 -21.73 -21.40
C TRP A 106 14.30 -20.46 -21.61
N GLY A 107 13.61 -20.38 -22.73
CA GLY A 107 12.86 -19.18 -23.09
C GLY A 107 11.37 -19.43 -23.14
N PHE A 108 10.63 -18.68 -22.31
CA PHE A 108 9.19 -18.79 -22.25
C PHE A 108 8.55 -17.57 -22.87
N GLY A 109 7.43 -17.78 -23.55
CA GLY A 109 6.68 -16.66 -24.11
C GLY A 109 5.90 -15.88 -23.06
N SER A 110 5.45 -14.70 -23.44
CA SER A 110 4.50 -13.93 -22.64
C SER A 110 3.21 -14.72 -22.41
N ASN A 111 2.98 -15.73 -23.24
CA ASN A 111 1.84 -16.63 -23.11
C ASN A 111 2.14 -17.87 -22.27
N GLY A 112 3.30 -17.89 -21.62
CA GLY A 112 3.65 -19.00 -20.75
C GLY A 112 4.27 -20.20 -21.44
N GLU A 113 4.20 -20.25 -22.78
CA GLU A 113 4.67 -21.43 -23.50
C GLU A 113 6.19 -21.55 -23.46
N LEU A 114 6.70 -22.77 -23.38
CA LEU A 114 8.13 -22.99 -23.56
C LEU A 114 8.44 -22.89 -25.05
N GLN A 115 9.09 -21.79 -25.44
CA GLN A 115 9.31 -21.49 -26.86
C GLN A 115 10.66 -21.95 -27.34
N SER A 116 11.66 -21.92 -26.47
CA SER A 116 13.00 -22.29 -26.88
C SER A 116 13.81 -22.89 -25.77
N VAL A 117 14.70 -23.77 -26.16
CA VAL A 117 15.60 -24.45 -25.26
C VAL A 117 16.94 -24.41 -25.98
N PRO A 118 17.98 -23.89 -25.32
CA PRO A 118 19.28 -23.79 -26.00
C PRO A 118 19.78 -25.14 -26.49
N PHE A 119 20.21 -25.18 -27.76
CA PHE A 119 20.75 -26.38 -28.38
C PHE A 119 19.79 -27.57 -28.29
N GLU A 120 18.50 -27.31 -28.42
CA GLU A 120 17.49 -28.36 -28.22
C GLU A 120 17.76 -29.56 -29.11
N LYS A 121 18.02 -29.30 -30.39
CA LYS A 121 18.24 -30.37 -31.36
C LYS A 121 19.41 -31.27 -30.97
N ASP A 122 20.54 -30.67 -30.59
CA ASP A 122 21.73 -31.45 -30.26
C ASP A 122 21.62 -32.17 -28.92
N LEU A 123 20.88 -31.59 -27.97
CA LEU A 123 20.84 -32.13 -26.61
C LEU A 123 19.64 -33.04 -26.38
N TYR A 124 18.44 -32.54 -26.67
CA TYR A 124 17.22 -33.29 -26.42
C TYR A 124 16.72 -34.05 -27.64
N GLY A 125 17.19 -33.66 -28.81
CA GLY A 125 16.68 -34.23 -30.04
C GLY A 125 15.20 -33.88 -30.17
N GLU A 126 14.36 -34.90 -30.38
CA GLU A 126 12.93 -34.69 -30.46
C GLU A 126 12.22 -35.08 -29.17
N SER A 127 12.99 -35.33 -28.12
CA SER A 127 12.48 -35.99 -26.91
C SER A 127 11.86 -35.04 -25.88
N LEU A 128 12.11 -33.75 -26.01
CA LEU A 128 11.60 -32.80 -25.03
C LEU A 128 10.20 -32.36 -25.43
N ASN A 129 9.22 -32.66 -24.58
CA ASN A 129 7.84 -32.31 -24.90
C ASN A 129 7.51 -30.91 -24.40
N LYS A 130 7.92 -29.91 -25.18
CA LYS A 130 7.78 -28.52 -24.77
C LYS A 130 6.33 -28.09 -24.54
N LYS A 131 5.40 -28.71 -25.26
CA LYS A 131 3.97 -28.44 -25.08
C LYS A 131 3.47 -28.72 -23.66
N CYS A 132 4.17 -29.59 -22.94
CA CYS A 132 3.79 -29.92 -21.58
C CYS A 132 4.62 -29.17 -20.55
N LEU A 133 5.44 -28.25 -21.04
CA LEU A 133 6.38 -27.55 -20.17
C LEU A 133 6.14 -26.05 -20.10
N GLY A 134 4.92 -25.61 -20.35
CA GLY A 134 4.57 -24.22 -20.15
C GLY A 134 4.58 -23.82 -18.68
N LEU A 135 4.76 -22.54 -18.41
CA LEU A 135 4.72 -22.07 -17.01
C LEU A 135 3.39 -22.43 -16.36
N LYS A 136 3.43 -22.71 -15.06
CA LYS A 136 2.23 -23.08 -14.32
C LYS A 136 1.29 -21.88 -14.26
N GLU A 137 0.12 -22.01 -14.88
CA GLU A 137 -0.73 -20.86 -15.12
C GLU A 137 -1.76 -20.68 -14.01
N VAL A 138 -1.99 -19.43 -13.63
CA VAL A 138 -3.09 -19.09 -12.72
C VAL A 138 -4.39 -19.38 -13.44
N ALA A 139 -5.21 -20.25 -12.85
CA ALA A 139 -6.41 -20.77 -13.52
C ALA A 139 -7.44 -19.70 -13.89
N ARG A 140 -7.60 -18.70 -13.03
CA ARG A 140 -8.64 -17.70 -13.23
C ARG A 140 -8.07 -16.29 -13.11
N VAL A 141 -8.33 -15.46 -14.13
CA VAL A 141 -7.93 -14.06 -14.12
C VAL A 141 -9.10 -13.26 -14.65
N GLU A 142 -9.61 -12.36 -13.83
CA GLU A 142 -10.79 -11.58 -14.20
C GLU A 142 -10.63 -10.12 -13.82
N SER A 143 -11.45 -9.27 -14.43
CA SER A 143 -11.35 -7.84 -14.24
C SER A 143 -12.63 -7.28 -13.62
N PHE A 144 -12.45 -6.36 -12.66
CA PHE A 144 -13.55 -5.55 -12.17
C PHE A 144 -13.21 -4.10 -12.52
N HIS A 145 -13.76 -3.64 -13.63
CA HIS A 145 -13.54 -2.27 -14.12
C HIS A 145 -12.08 -1.88 -14.16
N GLY A 146 -11.25 -2.79 -14.66
CA GLY A 146 -9.84 -2.50 -14.85
C GLY A 146 -8.95 -3.08 -13.76
N PHE A 147 -9.55 -3.41 -12.62
CA PHE A 147 -8.82 -4.01 -11.51
C PHE A 147 -8.76 -5.51 -11.71
N ILE A 148 -7.55 -6.03 -11.82
CA ILE A 148 -7.33 -7.40 -12.23
C ILE A 148 -7.03 -8.29 -11.03
N TYR A 149 -7.82 -9.35 -10.89
CA TYR A 149 -7.68 -10.30 -9.79
C TYR A 149 -7.38 -11.68 -10.34
N GLY A 150 -6.70 -12.49 -9.55
CA GLY A 150 -6.41 -13.85 -9.94
C GLY A 150 -6.86 -14.83 -8.88
N CYS A 151 -7.09 -16.06 -9.30
CA CYS A 151 -7.44 -17.13 -8.38
C CYS A 151 -6.87 -18.45 -8.89
N PHE A 152 -6.19 -19.18 -8.01
CA PHE A 152 -5.59 -20.46 -8.38
C PHE A 152 -6.64 -21.57 -8.49
N ASP A 153 -7.83 -21.33 -7.94
CA ASP A 153 -8.85 -22.37 -7.86
C ASP A 153 -9.88 -22.23 -8.98
N GLN A 154 -9.84 -23.16 -9.94
CA GLN A 154 -10.77 -23.14 -11.08
C GLN A 154 -12.24 -23.13 -10.64
N GLU A 155 -12.51 -23.61 -9.42
CA GLU A 155 -13.89 -23.78 -8.94
C GLU A 155 -14.50 -22.53 -8.31
N ALA A 156 -13.71 -21.46 -8.19
CA ALA A 156 -14.18 -20.23 -7.55
C ALA A 156 -15.36 -19.61 -8.29
N PRO A 157 -16.23 -18.88 -7.57
CA PRO A 157 -17.26 -18.10 -8.26
C PRO A 157 -16.59 -17.05 -9.15
N PRO A 158 -17.28 -16.61 -10.20
CA PRO A 158 -16.77 -15.46 -10.95
C PRO A 158 -16.51 -14.29 -10.00
N LEU A 159 -15.54 -13.46 -10.31
CA LEU A 159 -15.14 -12.33 -9.46
C LEU A 159 -16.34 -11.46 -9.10
N MET A 160 -17.20 -11.18 -10.07
CA MET A 160 -18.35 -10.34 -9.80
C MET A 160 -19.27 -10.97 -8.74
N ASP A 161 -19.56 -12.27 -8.86
CA ASP A 161 -20.39 -12.93 -7.85
C ASP A 161 -19.70 -12.97 -6.48
N TYR A 162 -18.39 -13.16 -6.50
CA TYR A 162 -17.58 -13.18 -5.29
C TYR A 162 -17.64 -11.86 -4.52
N LEU A 163 -17.73 -10.75 -5.25
CA LEU A 163 -17.86 -9.45 -4.60
C LEU A 163 -19.22 -9.34 -3.92
N GLY A 164 -20.18 -10.14 -4.37
CA GLY A 164 -21.50 -10.18 -3.77
C GLY A 164 -22.11 -8.80 -3.61
N ASP A 165 -22.68 -8.54 -2.43
CA ASP A 165 -23.36 -7.28 -2.18
C ASP A 165 -22.42 -6.07 -2.12
N ALA A 166 -21.12 -6.31 -1.95
CA ALA A 166 -20.15 -5.22 -1.96
C ALA A 166 -20.07 -4.53 -3.32
N ALA A 167 -20.32 -5.26 -4.41
CA ALA A 167 -20.18 -4.66 -5.74
C ALA A 167 -21.08 -3.44 -5.94
N TRP A 168 -22.29 -3.50 -5.39
CA TRP A 168 -23.25 -2.41 -5.54
C TRP A 168 -22.68 -1.11 -5.01
N TYR A 169 -21.94 -1.19 -3.91
CA TYR A 169 -21.35 -0.01 -3.27
C TYR A 169 -20.14 0.49 -4.04
N LEU A 170 -19.38 -0.42 -4.65
CA LEU A 170 -18.16 -0.03 -5.37
C LEU A 170 -18.44 0.55 -6.76
N GLU A 171 -19.52 0.11 -7.38
CA GLU A 171 -19.79 0.51 -8.77
C GLU A 171 -19.87 2.01 -9.05
N PRO A 172 -20.48 2.81 -8.14
CA PRO A 172 -20.54 4.25 -8.49
C PRO A 172 -19.14 4.84 -8.74
N MET A 173 -18.18 4.55 -7.86
CA MET A 173 -16.80 4.99 -8.06
C MET A 173 -16.02 4.19 -9.11
N PHE A 174 -16.20 2.86 -9.14
CA PHE A 174 -15.39 2.02 -10.04
C PHE A 174 -15.90 2.01 -11.48
N LYS A 175 -17.21 2.21 -11.65
CA LYS A 175 -17.80 2.16 -12.97
C LYS A 175 -18.39 3.51 -13.39
N HIS A 176 -19.32 4.03 -12.62
CA HIS A 176 -20.11 5.17 -13.09
C HIS A 176 -19.34 6.50 -13.12
N SER A 177 -18.20 6.56 -12.44
CA SER A 177 -17.35 7.74 -12.44
C SER A 177 -16.62 7.91 -13.77
N GLY A 178 -16.76 6.92 -14.65
CA GLY A 178 -16.00 6.92 -15.89
C GLY A 178 -14.78 6.03 -15.80
N GLY A 179 -14.47 5.56 -14.59
CA GLY A 179 -13.38 4.62 -14.41
C GLY A 179 -12.21 5.18 -13.62
N LEU A 180 -11.50 4.27 -12.97
CA LEU A 180 -10.35 4.62 -12.16
C LEU A 180 -9.08 4.14 -12.83
N GLU A 181 -7.98 4.79 -12.47
CA GLU A 181 -6.64 4.33 -12.82
C GLU A 181 -5.89 4.05 -11.55
N LEU A 182 -5.00 3.06 -11.60
CA LEU A 182 -4.11 2.80 -10.48
C LEU A 182 -2.80 3.49 -10.79
N VAL A 183 -2.34 4.35 -9.89
CA VAL A 183 -1.05 5.02 -10.06
C VAL A 183 0.04 4.23 -9.34
N GLY A 184 0.98 3.73 -10.13
CA GLY A 184 2.13 3.03 -9.60
C GLY A 184 3.38 3.89 -9.67
N PRO A 185 4.53 3.34 -9.25
CA PRO A 185 4.67 2.03 -8.62
C PRO A 185 4.18 2.12 -7.18
N PRO A 186 3.90 0.98 -6.54
CA PRO A 186 3.43 1.03 -5.16
C PRO A 186 4.58 1.27 -4.19
N GLY A 187 4.27 1.85 -3.03
CA GLY A 187 5.18 1.76 -1.91
C GLY A 187 5.19 0.33 -1.41
N LYS A 188 6.33 -0.13 -0.88
CA LYS A 188 6.41 -1.49 -0.32
C LYS A 188 7.17 -1.46 1.01
N VAL A 189 6.51 -1.93 2.07
CA VAL A 189 7.08 -1.96 3.41
C VAL A 189 6.67 -3.23 4.14
N VAL A 190 7.60 -3.80 4.90
CA VAL A 190 7.27 -4.95 5.74
C VAL A 190 6.87 -4.48 7.14
N ILE A 191 5.72 -4.96 7.61
CA ILE A 191 5.32 -4.74 9.00
C ILE A 191 5.26 -6.08 9.75
N LYS A 192 5.43 -6.02 11.06
CA LYS A 192 5.45 -7.22 11.88
C LYS A 192 4.05 -7.51 12.43
N ALA A 193 3.11 -7.64 11.50
CA ALA A 193 1.72 -7.90 11.85
C ALA A 193 1.21 -9.02 10.97
N ASN A 194 0.16 -9.69 11.45
CA ASN A 194 -0.56 -10.67 10.65
C ASN A 194 -1.35 -9.92 9.59
N TRP A 195 -1.48 -10.50 8.40
CA TRP A 195 -2.23 -9.85 7.31
C TRP A 195 -3.67 -9.52 7.70
N LYS A 196 -4.25 -10.30 8.62
CA LYS A 196 -5.63 -10.06 9.05
C LYS A 196 -5.80 -8.80 9.87
N ALA A 197 -4.74 -8.34 10.53
CA ALA A 197 -4.85 -7.13 11.34
C ALA A 197 -5.19 -5.88 10.50
N PRO A 198 -4.42 -5.60 9.44
CA PRO A 198 -4.87 -4.47 8.61
C PRO A 198 -6.13 -4.78 7.78
N ALA A 199 -6.29 -6.03 7.35
CA ALA A 199 -7.50 -6.39 6.58
C ALA A 199 -8.77 -6.12 7.39
N GLU A 200 -8.79 -6.54 8.65
CA GLU A 200 -9.96 -6.32 9.50
C GLU A 200 -10.16 -4.84 9.78
N ASN A 201 -9.05 -4.11 9.91
CA ASN A 201 -9.13 -2.69 10.22
C ASN A 201 -9.77 -1.92 9.07
N PHE A 202 -9.34 -2.18 7.85
CA PHE A 202 -9.90 -1.49 6.70
C PHE A 202 -11.33 -1.95 6.38
N VAL A 203 -11.68 -3.20 6.72
CA VAL A 203 -12.99 -3.68 6.31
C VAL A 203 -14.10 -3.06 7.13
N GLY A 204 -13.80 -2.71 8.38
CA GLY A 204 -14.89 -2.40 9.30
C GLY A 204 -14.62 -1.55 10.51
N ASP A 205 -13.44 -0.93 10.57
CA ASP A 205 -13.04 -0.25 11.81
C ASP A 205 -13.09 1.27 11.70
N ALA A 206 -14.25 1.85 11.93
CA ALA A 206 -14.36 3.30 12.08
C ALA A 206 -14.12 3.72 13.52
N TYR A 207 -14.36 2.80 14.46
CA TYR A 207 -14.24 3.09 15.89
C TYR A 207 -12.85 3.60 16.23
N HIS A 208 -11.82 3.05 15.57
CA HIS A 208 -10.44 3.42 15.93
C HIS A 208 -10.02 4.81 15.48
N VAL A 209 -10.71 5.37 14.50
CA VAL A 209 -10.18 6.55 13.81
C VAL A 209 -9.90 7.77 14.70
N GLY A 210 -10.88 8.20 15.49
CA GLY A 210 -10.70 9.36 16.33
C GLY A 210 -9.59 9.21 17.37
N TRP A 211 -9.36 7.99 17.84
CA TRP A 211 -8.37 7.77 18.88
C TRP A 211 -6.99 7.40 18.33
N THR A 212 -6.92 6.33 17.54
CA THR A 212 -5.67 5.93 16.89
C THR A 212 -5.08 7.10 16.11
N HIS A 213 -5.92 7.78 15.33
CA HIS A 213 -5.43 8.81 14.43
C HIS A 213 -5.62 10.22 14.95
N ALA A 214 -5.77 10.35 16.28
CA ALA A 214 -5.92 11.67 16.91
C ALA A 214 -4.90 12.69 16.42
N SER A 215 -3.64 12.30 16.41
CA SER A 215 -2.57 13.22 16.01
C SER A 215 -2.63 13.58 14.52
N SER A 216 -2.95 12.60 13.66
CA SER A 216 -3.04 12.89 12.23
C SER A 216 -4.26 13.72 11.89
N LEU A 217 -5.36 13.46 12.59
CA LEU A 217 -6.56 14.28 12.45
C LEU A 217 -6.29 15.72 12.88
N ARG A 218 -5.67 15.91 14.03
CA ARG A 218 -5.40 17.25 14.54
C ARG A 218 -4.41 18.01 13.63
N SER A 219 -3.42 17.29 13.10
CA SER A 219 -2.32 17.90 12.37
C SER A 219 -2.59 18.16 10.89
N GLY A 220 -3.34 17.26 10.25
CA GLY A 220 -3.59 17.38 8.82
C GLY A 220 -4.78 18.23 8.38
N GLU A 221 -5.74 18.48 9.27
CA GLU A 221 -6.90 19.32 8.94
C GLU A 221 -7.84 18.73 7.89
N SER A 222 -7.80 17.42 7.73
CA SER A 222 -8.68 16.73 6.79
C SER A 222 -10.18 16.87 7.15
N ILE A 223 -11.09 16.36 6.32
CA ILE A 223 -12.52 16.55 6.62
C ILE A 223 -13.13 15.66 7.71
N PHE A 224 -12.47 14.57 8.09
CA PHE A 224 -12.98 13.78 9.21
C PHE A 224 -12.36 14.26 10.53
N SER A 225 -11.75 15.44 10.50
CA SER A 225 -10.93 15.92 11.61
C SER A 225 -11.65 16.23 12.92
N SER A 226 -12.97 16.35 12.88
CA SER A 226 -13.74 16.60 14.10
C SER A 226 -13.65 15.42 15.05
N LEU A 227 -13.07 14.34 14.58
CA LEU A 227 -12.98 13.12 15.37
C LEU A 227 -11.76 13.11 16.29
N ALA A 228 -10.78 14.01 16.09
CA ALA A 228 -9.49 13.90 16.82
C ALA A 228 -9.63 13.75 18.33
N GLY A 229 -9.02 12.70 18.87
CA GLY A 229 -9.06 12.44 20.31
C GLY A 229 -10.46 12.12 20.83
N ASN A 230 -11.32 11.58 19.95
CA ASN A 230 -12.71 11.34 20.31
C ASN A 230 -13.43 12.56 20.85
N ALA A 231 -13.10 13.71 20.27
CA ALA A 231 -13.69 14.98 20.71
C ALA A 231 -15.16 15.05 20.31
N ALA A 232 -15.51 14.35 19.24
CA ALA A 232 -16.89 14.34 18.78
C ALA A 232 -17.24 13.04 18.09
N LEU A 233 -18.49 12.63 18.22
CA LEU A 233 -18.98 11.43 17.56
C LEU A 233 -19.66 11.86 16.27
N PRO A 234 -19.36 11.14 15.17
CA PRO A 234 -20.09 11.36 13.91
C PRO A 234 -21.57 11.27 14.22
N PRO A 235 -22.35 12.25 13.77
CA PRO A 235 -23.77 12.35 14.09
C PRO A 235 -24.56 11.15 13.57
N GLU A 236 -25.77 10.96 14.08
CA GLU A 236 -26.65 9.93 13.57
C GLU A 236 -26.82 10.07 12.07
N GLY A 237 -26.77 8.96 11.35
CA GLY A 237 -26.97 8.98 9.91
C GLY A 237 -25.72 9.40 9.14
N ALA A 238 -24.58 9.44 9.81
CA ALA A 238 -23.33 9.84 9.17
C ALA A 238 -22.78 8.76 8.26
N GLY A 239 -23.27 7.53 8.44
CA GLY A 239 -22.80 6.46 7.59
C GLY A 239 -23.41 5.12 7.89
N LEU A 240 -22.86 4.08 7.26
CA LEU A 240 -23.33 2.72 7.47
C LEU A 240 -22.19 1.73 7.29
N GLN A 241 -22.48 0.47 7.58
CA GLN A 241 -21.51 -0.61 7.44
C GLN A 241 -22.19 -1.71 6.66
N MET A 242 -21.42 -2.45 5.85
CA MET A 242 -22.01 -3.58 5.15
C MET A 242 -21.04 -4.74 5.08
N THR A 243 -21.60 -5.94 4.89
CA THR A 243 -20.79 -7.12 4.65
C THR A 243 -21.55 -8.06 3.72
N SER A 244 -20.86 -9.11 3.27
CA SER A 244 -21.35 -9.94 2.18
C SER A 244 -21.00 -11.40 2.38
N LYS A 245 -21.58 -12.24 1.54
CA LYS A 245 -21.47 -13.69 1.69
C LYS A 245 -20.02 -14.19 1.65
N TYR A 246 -19.23 -13.65 0.72
CA TYR A 246 -17.88 -14.15 0.52
C TYR A 246 -16.83 -13.34 1.29
N GLY A 247 -17.28 -12.49 2.20
CA GLY A 247 -16.38 -11.93 3.19
C GLY A 247 -16.03 -10.46 3.01
N SER A 248 -16.22 -9.94 1.79
CA SER A 248 -15.92 -8.53 1.52
C SER A 248 -16.91 -7.65 2.25
N GLY A 249 -16.45 -6.48 2.66
CA GLY A 249 -17.29 -5.56 3.39
C GLY A 249 -16.68 -4.18 3.37
N MET A 250 -17.44 -3.21 3.88
CA MET A 250 -16.93 -1.85 3.96
C MET A 250 -17.76 -0.96 4.87
N GLY A 251 -17.15 0.13 5.29
CA GLY A 251 -17.86 1.24 5.90
C GLY A 251 -18.12 2.31 4.87
N VAL A 252 -19.20 3.04 5.05
CA VAL A 252 -19.56 4.16 4.19
C VAL A 252 -19.67 5.38 5.08
N LEU A 253 -18.89 6.41 4.81
CA LEU A 253 -19.03 7.68 5.52
C LEU A 253 -19.57 8.68 4.51
N TRP A 254 -20.84 9.04 4.68
CA TRP A 254 -21.53 9.87 3.70
C TRP A 254 -20.79 11.17 3.38
N ASP A 255 -20.63 11.42 2.08
CA ASP A 255 -20.17 12.72 1.56
C ASP A 255 -18.68 13.02 1.73
N GLY A 256 -17.94 12.11 2.37
CA GLY A 256 -16.56 12.38 2.73
C GLY A 256 -15.56 12.27 1.60
N TYR A 257 -15.82 13.00 0.51
CA TYR A 257 -15.09 12.85 -0.74
C TYR A 257 -13.62 13.27 -0.68
N SER A 258 -13.28 14.20 0.22
CA SER A 258 -11.87 14.56 0.34
C SER A 258 -11.10 13.65 1.29
N GLY A 259 -11.83 12.77 2.00
CA GLY A 259 -11.21 11.73 2.80
C GLY A 259 -10.14 12.23 3.76
N VAL A 260 -8.97 11.61 3.71
CA VAL A 260 -7.90 11.94 4.63
C VAL A 260 -7.02 13.08 4.14
N HIS A 261 -7.32 13.60 2.96
CA HIS A 261 -6.47 14.61 2.35
C HIS A 261 -6.46 15.90 3.14
N SER A 262 -5.27 16.48 3.26
CA SER A 262 -5.13 17.70 4.04
C SER A 262 -5.88 18.83 3.36
N ALA A 263 -6.12 19.89 4.12
CA ALA A 263 -6.89 21.03 3.64
C ALA A 263 -6.45 21.58 2.28
N ASP A 264 -5.18 21.36 1.92
CA ASP A 264 -4.70 21.82 0.62
C ASP A 264 -5.44 21.24 -0.60
N LEU A 265 -6.13 20.11 -0.42
CA LEU A 265 -6.85 19.45 -1.51
C LEU A 265 -8.36 19.48 -1.31
N VAL A 266 -8.79 19.85 -0.12
CA VAL A 266 -10.20 19.75 0.23
C VAL A 266 -11.17 20.53 -0.69
N PRO A 267 -10.92 21.84 -0.92
CA PRO A 267 -11.85 22.60 -1.76
C PRO A 267 -11.95 22.05 -3.18
N GLU A 268 -10.81 21.73 -3.76
CA GLU A 268 -10.72 21.20 -5.11
C GLU A 268 -11.47 19.87 -5.24
N LEU A 269 -11.22 18.97 -4.29
CA LEU A 269 -11.85 17.66 -4.34
C LEU A 269 -13.35 17.78 -4.10
N MET A 270 -13.76 18.54 -3.09
CA MET A 270 -15.18 18.66 -2.78
C MET A 270 -15.95 19.29 -3.95
N ALA A 271 -15.29 20.18 -4.69
CA ALA A 271 -15.90 20.73 -5.90
C ALA A 271 -16.04 19.67 -7.00
N PHE A 272 -14.97 18.91 -7.23
CA PHE A 272 -14.92 17.91 -8.30
C PHE A 272 -15.95 16.80 -8.07
N GLY A 273 -15.94 16.22 -6.87
CA GLY A 273 -16.86 15.15 -6.54
C GLY A 273 -18.32 15.60 -6.59
N GLY A 274 -18.59 16.80 -6.09
CA GLY A 274 -19.95 17.30 -6.10
C GLY A 274 -20.45 17.54 -7.51
N ALA A 275 -19.57 18.05 -8.38
CA ALA A 275 -19.96 18.29 -9.77
C ALA A 275 -20.28 16.97 -10.48
N LYS A 276 -19.48 15.94 -10.24
CA LYS A 276 -19.76 14.65 -10.89
C LYS A 276 -21.01 14.00 -10.32
N GLN A 277 -21.21 14.14 -9.00
CA GLN A 277 -22.42 13.65 -8.35
C GLN A 277 -23.67 14.25 -8.98
N GLU A 278 -23.62 15.53 -9.29
CA GLU A 278 -24.78 16.20 -9.88
C GLU A 278 -25.13 15.57 -11.22
N ARG A 279 -24.12 15.21 -11.99
CA ARG A 279 -24.34 14.53 -13.27
C ARG A 279 -24.87 13.11 -13.06
N LEU A 280 -24.34 12.44 -12.05
CA LEU A 280 -24.68 11.04 -11.79
C LEU A 280 -26.10 10.86 -11.25
N ASN A 281 -26.65 11.88 -10.57
CA ASN A 281 -28.03 11.81 -10.07
C ASN A 281 -28.99 11.33 -11.15
N LYS A 282 -28.84 11.88 -12.35
CA LYS A 282 -29.73 11.59 -13.47
C LYS A 282 -29.53 10.18 -14.01
N GLU A 283 -28.35 9.61 -13.77
CA GLU A 283 -27.97 8.36 -14.39
C GLU A 283 -28.19 7.14 -13.51
N ILE A 284 -27.81 7.26 -12.23
CA ILE A 284 -27.87 6.12 -11.32
C ILE A 284 -28.74 6.39 -10.10
N GLY A 285 -29.33 7.58 -10.04
CA GLY A 285 -30.19 7.95 -8.93
C GLY A 285 -29.44 8.66 -7.83
N ASP A 286 -30.17 9.38 -6.98
CA ASP A 286 -29.56 10.19 -5.92
C ASP A 286 -28.73 9.39 -4.92
N VAL A 287 -29.23 8.25 -4.45
CA VAL A 287 -28.52 7.47 -3.43
C VAL A 287 -27.18 6.97 -3.97
N ARG A 288 -27.19 6.39 -5.16
CA ARG A 288 -25.97 5.83 -5.70
C ARG A 288 -24.99 6.92 -6.13
N ALA A 289 -25.50 8.05 -6.60
CA ALA A 289 -24.61 9.17 -6.91
C ALA A 289 -23.96 9.71 -5.64
N ARG A 290 -24.69 9.61 -4.53
CA ARG A 290 -24.13 10.05 -3.25
C ARG A 290 -23.06 9.08 -2.78
N ILE A 291 -23.32 7.78 -2.94
CA ILE A 291 -22.33 6.76 -2.61
C ILE A 291 -21.02 6.99 -3.37
N TYR A 292 -21.11 7.37 -4.64
CA TYR A 292 -19.92 7.67 -5.44
C TYR A 292 -18.99 8.62 -4.70
N ARG A 293 -19.55 9.69 -4.14
CA ARG A 293 -18.73 10.69 -3.46
C ARG A 293 -18.70 10.53 -1.95
N SER A 294 -18.92 9.29 -1.50
CA SER A 294 -18.81 8.95 -0.09
C SER A 294 -17.59 8.08 0.15
N HIS A 295 -16.97 8.26 1.31
CA HIS A 295 -15.72 7.58 1.64
C HIS A 295 -16.01 6.13 1.99
N LEU A 296 -15.45 5.20 1.22
CA LEU A 296 -15.64 3.77 1.51
C LEU A 296 -14.35 3.18 2.03
N ASN A 297 -14.38 2.61 3.23
CA ASN A 297 -13.25 1.82 3.71
C ASN A 297 -13.61 0.37 3.53
N CYS A 298 -12.92 -0.31 2.62
CA CYS A 298 -13.36 -1.61 2.13
C CYS A 298 -12.22 -2.60 2.13
N THR A 299 -12.54 -3.86 2.47
CA THR A 299 -11.65 -4.96 2.17
C THR A 299 -12.34 -5.89 1.20
N VAL A 300 -11.68 -6.15 0.07
CA VAL A 300 -12.09 -7.22 -0.83
C VAL A 300 -11.38 -8.46 -0.30
N PHE A 301 -12.16 -9.38 0.26
CA PHE A 301 -11.64 -10.58 0.90
C PHE A 301 -10.67 -11.30 -0.04
N PRO A 302 -9.54 -11.80 0.48
CA PRO A 302 -9.09 -11.73 1.88
C PRO A 302 -8.24 -10.50 2.23
N ASN A 303 -7.36 -10.07 1.31
CA ASN A 303 -6.25 -9.21 1.71
C ASN A 303 -6.00 -8.00 0.81
N ASN A 304 -7.06 -7.50 0.16
CA ASN A 304 -6.99 -6.28 -0.65
C ASN A 304 -7.89 -5.25 0.01
N SER A 305 -7.35 -4.08 0.34
CA SER A 305 -8.17 -3.04 0.96
C SER A 305 -8.05 -1.73 0.22
N MET A 306 -8.98 -0.82 0.52
CA MET A 306 -8.98 0.48 -0.12
C MET A 306 -9.76 1.50 0.69
N LEU A 307 -9.44 2.76 0.46
CA LEU A 307 -10.25 3.88 0.92
C LEU A 307 -10.60 4.65 -0.33
N THR A 308 -11.85 4.55 -0.80
CA THR A 308 -12.21 5.35 -1.97
C THR A 308 -12.23 6.81 -1.55
N CYS A 309 -12.10 7.69 -2.53
CA CYS A 309 -12.09 9.16 -2.34
C CYS A 309 -10.75 9.62 -1.74
N SER A 310 -10.34 9.02 -0.62
CA SER A 310 -8.95 9.18 -0.19
C SER A 310 -8.02 8.64 -1.28
N GLY A 311 -8.44 7.58 -1.97
CA GLY A 311 -7.65 7.01 -3.05
C GLY A 311 -6.57 6.03 -2.65
N VAL A 312 -6.66 5.48 -1.44
CA VAL A 312 -5.65 4.56 -0.93
C VAL A 312 -6.00 3.14 -1.38
N PHE A 313 -5.01 2.41 -1.91
CA PHE A 313 -5.25 1.05 -2.38
C PHE A 313 -4.13 0.16 -1.85
N LYS A 314 -4.51 -0.90 -1.13
CA LYS A 314 -3.57 -1.71 -0.35
C LYS A 314 -3.62 -3.19 -0.69
N VAL A 315 -2.46 -3.84 -0.69
CA VAL A 315 -2.40 -5.29 -0.66
C VAL A 315 -1.62 -5.68 0.58
N TRP A 316 -2.22 -6.53 1.42
CA TRP A 316 -1.53 -7.04 2.60
C TRP A 316 -0.96 -8.41 2.28
N ASN A 317 0.25 -8.43 1.72
CA ASN A 317 0.84 -9.68 1.29
C ASN A 317 1.41 -10.50 2.44
N PRO A 318 0.92 -11.74 2.59
CA PRO A 318 1.32 -12.54 3.76
C PRO A 318 2.73 -13.09 3.62
N ILE A 319 3.50 -13.04 4.70
CA ILE A 319 4.83 -13.63 4.72
C ILE A 319 4.89 -14.77 5.76
N ASP A 320 4.50 -14.47 7.00
CA ASP A 320 4.28 -15.50 8.02
C ASP A 320 3.27 -14.93 9.01
N ALA A 321 2.99 -15.63 10.11
CA ALA A 321 1.89 -15.18 10.97
C ALA A 321 2.09 -13.79 11.56
N ASN A 322 3.34 -13.35 11.70
CA ASN A 322 3.57 -12.01 12.21
C ASN A 322 4.39 -11.15 11.24
N THR A 323 4.27 -11.41 9.94
CA THR A 323 4.98 -10.62 8.94
C THR A 323 4.11 -10.42 7.70
N THR A 324 3.97 -9.16 7.28
CA THR A 324 3.14 -8.80 6.13
C THR A 324 3.87 -7.75 5.32
N GLU A 325 3.88 -7.91 4.00
CA GLU A 325 4.47 -6.93 3.11
C GLU A 325 3.35 -6.07 2.53
N VAL A 326 3.38 -4.78 2.86
CA VAL A 326 2.31 -3.85 2.53
C VAL A 326 2.62 -3.13 1.24
N TRP A 327 1.76 -3.31 0.24
CA TRP A 327 1.87 -2.60 -1.03
C TRP A 327 0.82 -1.49 -1.06
N THR A 328 1.25 -0.26 -1.39
CA THR A 328 0.34 0.89 -1.38
C THR A 328 0.36 1.61 -2.71
N TYR A 329 -0.79 1.63 -3.38
CA TYR A 329 -0.95 2.37 -4.62
C TYR A 329 -1.91 3.52 -4.37
N ALA A 330 -2.02 4.43 -5.34
CA ALA A 330 -3.08 5.42 -5.35
C ALA A 330 -4.09 5.12 -6.44
N ILE A 331 -5.36 5.35 -6.15
CA ILE A 331 -6.38 5.28 -7.19
C ILE A 331 -6.87 6.69 -7.50
N VAL A 332 -7.03 6.98 -8.79
CA VAL A 332 -7.53 8.28 -9.19
C VAL A 332 -8.63 8.09 -10.24
N GLU A 333 -9.52 9.06 -10.35
CA GLU A 333 -10.53 9.01 -11.40
C GLU A 333 -9.92 9.47 -12.71
N LYS A 334 -10.14 8.70 -13.77
CA LYS A 334 -9.50 8.95 -15.06
C LYS A 334 -9.73 10.35 -15.59
N ASP A 335 -10.91 10.91 -15.36
CA ASP A 335 -11.24 12.22 -15.93
C ASP A 335 -10.86 13.41 -15.05
N MET A 336 -10.15 13.15 -13.96
CA MET A 336 -9.57 14.25 -13.19
C MET A 336 -8.47 14.90 -14.00
N PRO A 337 -8.27 16.21 -13.81
CA PRO A 337 -7.12 16.85 -14.45
C PRO A 337 -5.83 16.19 -14.00
N GLU A 338 -4.87 16.12 -14.91
CA GLU A 338 -3.61 15.44 -14.64
C GLU A 338 -2.89 15.99 -13.42
N ASP A 339 -2.91 17.31 -13.24
CA ASP A 339 -2.23 17.91 -12.09
C ASP A 339 -2.86 17.50 -10.77
N LEU A 340 -4.18 17.36 -10.78
CA LEU A 340 -4.89 16.91 -9.59
C LEU A 340 -4.56 15.45 -9.30
N LYS A 341 -4.50 14.61 -10.34
CA LYS A 341 -4.14 13.21 -10.18
C LYS A 341 -2.76 13.09 -9.55
N ARG A 342 -1.82 13.92 -10.01
CA ARG A 342 -0.46 13.87 -9.47
C ARG A 342 -0.46 14.23 -7.99
N ARG A 343 -1.14 15.31 -7.64
CA ARG A 343 -1.18 15.74 -6.25
C ARG A 343 -1.93 14.74 -5.37
N LEU A 344 -2.98 14.13 -5.90
CA LEU A 344 -3.75 13.14 -5.16
C LEU A 344 -2.87 11.92 -4.87
N ALA A 345 -2.11 11.48 -5.87
CA ALA A 345 -1.20 10.35 -5.68
C ALA A 345 -0.16 10.62 -4.60
N ASP A 346 0.46 11.81 -4.64
CA ASP A 346 1.45 12.15 -3.61
C ASP A 346 0.79 12.19 -2.23
N SER A 347 -0.46 12.67 -2.17
CA SER A 347 -1.14 12.78 -0.90
C SER A 347 -1.52 11.41 -0.33
N VAL A 348 -1.89 10.47 -1.20
CA VAL A 348 -2.11 9.10 -0.77
C VAL A 348 -0.84 8.55 -0.11
N GLN A 349 0.32 8.79 -0.71
CA GLN A 349 1.56 8.26 -0.14
C GLN A 349 1.97 9.05 1.11
N ARG A 350 1.69 10.35 1.11
CA ARG A 350 1.96 11.22 2.26
C ARG A 350 1.22 10.75 3.51
N THR A 351 0.00 10.27 3.33
CA THR A 351 -0.85 9.89 4.45
C THR A 351 -0.76 8.40 4.77
N PHE A 352 -0.71 7.55 3.74
CA PHE A 352 -0.80 6.11 3.95
C PHE A 352 0.31 5.28 3.32
N GLY A 353 1.30 5.94 2.73
CA GLY A 353 2.42 5.25 2.11
C GLY A 353 3.51 4.83 3.10
N PRO A 354 4.71 4.50 2.58
CA PRO A 354 5.80 4.04 3.47
C PRO A 354 6.13 5.03 4.58
N ALA A 355 6.04 6.33 4.30
CA ALA A 355 6.16 7.35 5.35
C ALA A 355 4.82 8.04 5.55
N GLY A 356 3.73 7.28 5.39
CA GLY A 356 2.41 7.83 5.60
C GLY A 356 2.19 8.12 7.07
N PHE A 357 1.94 9.37 7.43
CA PHE A 357 1.82 9.66 8.86
C PHE A 357 0.56 9.06 9.48
N TRP A 358 -0.53 8.94 8.72
CA TRP A 358 -1.71 8.25 9.23
C TRP A 358 -1.40 6.76 9.45
N GLU A 359 -0.85 6.10 8.43
CA GLU A 359 -0.57 4.68 8.54
C GLU A 359 0.38 4.38 9.71
N SER A 360 1.27 5.32 10.02
CA SER A 360 2.19 5.12 11.13
C SER A 360 1.44 5.01 12.46
N ASP A 361 0.30 5.70 12.57
CA ASP A 361 -0.51 5.64 13.79
C ASP A 361 -1.00 4.21 14.04
N ASP A 362 -1.14 3.43 12.98
CA ASP A 362 -1.69 2.07 13.10
C ASP A 362 -0.64 1.02 13.43
N ASN A 363 0.64 1.32 13.23
CA ASN A 363 1.71 0.31 13.34
C ASN A 363 1.69 -0.50 14.63
N ASP A 364 1.77 0.18 15.77
CA ASP A 364 1.87 -0.52 17.04
C ASP A 364 0.62 -1.31 17.32
N ASN A 365 -0.54 -0.75 16.95
CA ASN A 365 -1.80 -1.44 17.13
C ASN A 365 -1.82 -2.77 16.38
N MET A 366 -1.48 -2.75 15.09
CA MET A 366 -1.51 -4.01 14.32
C MET A 366 -0.43 -4.97 14.72
N GLU A 367 0.78 -4.47 14.95
CA GLU A 367 1.89 -5.34 15.28
C GLU A 367 1.71 -6.00 16.64
N THR A 368 1.35 -5.22 17.67
CA THR A 368 1.21 -5.85 18.98
C THR A 368 -0.01 -6.75 19.10
N ALA A 369 -1.12 -6.37 18.47
CA ALA A 369 -2.29 -7.23 18.49
C ALA A 369 -1.94 -8.57 17.84
N SER A 370 -1.14 -8.53 16.78
CA SER A 370 -0.72 -9.75 16.10
C SER A 370 0.24 -10.57 16.93
N GLN A 371 1.26 -9.91 17.47
CA GLN A 371 2.29 -10.62 18.22
C GLN A 371 1.77 -11.20 19.53
N ASN A 372 0.79 -10.52 20.12
CA ASN A 372 0.18 -11.05 21.33
C ASN A 372 -0.54 -12.38 21.10
N GLY A 373 -0.92 -12.65 19.84
CA GLY A 373 -1.56 -13.92 19.50
C GLY A 373 -0.64 -15.12 19.62
N LYS A 374 0.66 -14.89 19.75
CA LYS A 374 1.63 -15.97 20.00
C LYS A 374 1.84 -16.20 21.50
N LYS A 375 1.51 -15.22 22.33
CA LYS A 375 1.81 -15.31 23.76
C LYS A 375 0.91 -16.35 24.44
N TYR A 376 1.52 -17.16 25.31
CA TYR A 376 0.88 -18.35 25.86
C TYR A 376 -0.49 -18.07 26.47
N GLN A 377 -0.58 -17.04 27.31
CA GLN A 377 -1.83 -16.75 28.03
C GLN A 377 -2.88 -16.07 27.17
N SER A 378 -2.51 -15.69 25.95
CA SER A 378 -3.45 -15.01 25.05
C SER A 378 -3.95 -15.87 23.88
N ARG A 379 -3.30 -17.00 23.61
CA ARG A 379 -3.65 -17.81 22.44
C ARG A 379 -5.13 -18.19 22.43
N ASP A 380 -5.65 -18.58 23.58
CA ASP A 380 -7.02 -19.06 23.72
C ASP A 380 -7.98 -17.95 24.16
N SER A 381 -7.51 -16.71 24.16
CA SER A 381 -8.37 -15.59 24.52
C SER A 381 -9.25 -15.16 23.35
N ASP A 382 -10.29 -14.38 23.64
CA ASP A 382 -11.28 -14.02 22.62
C ASP A 382 -11.18 -12.55 22.23
N LEU A 383 -10.87 -12.30 20.95
CA LEU A 383 -10.97 -10.97 20.38
C LEU A 383 -12.44 -10.67 20.12
N LEU A 384 -12.91 -9.51 20.54
CA LEU A 384 -14.34 -9.19 20.47
C LEU A 384 -14.72 -8.39 19.25
N SER A 385 -15.81 -8.79 18.59
CA SER A 385 -16.38 -7.99 17.50
C SER A 385 -17.90 -7.99 17.57
N ASN A 386 -18.41 -7.57 18.73
CA ASN A 386 -19.84 -7.60 18.99
C ASN A 386 -20.55 -6.24 18.88
N LEU A 387 -19.80 -5.18 18.58
CA LEU A 387 -20.42 -3.85 18.51
C LEU A 387 -21.47 -3.80 17.42
N GLY A 388 -22.70 -3.46 17.80
CA GLY A 388 -23.78 -3.35 16.84
C GLY A 388 -24.51 -4.65 16.57
N PHE A 389 -24.05 -5.74 17.19
CA PHE A 389 -24.73 -7.01 16.99
C PHE A 389 -26.18 -6.97 17.48
N GLY A 390 -27.08 -7.50 16.67
CA GLY A 390 -28.50 -7.50 16.98
C GLY A 390 -29.23 -6.33 16.35
N GLU A 391 -28.50 -5.47 15.63
CA GLU A 391 -29.12 -4.34 14.95
C GLU A 391 -28.84 -4.34 13.43
N ASP A 392 -28.15 -5.37 12.95
CA ASP A 392 -27.92 -5.49 11.51
C ASP A 392 -29.17 -5.99 10.79
N VAL A 393 -29.32 -5.60 9.53
CA VAL A 393 -30.43 -6.08 8.71
C VAL A 393 -29.90 -6.74 7.44
N TYR A 394 -30.77 -7.47 6.75
CA TYR A 394 -30.46 -8.00 5.43
C TYR A 394 -31.65 -7.73 4.52
N GLY A 395 -31.38 -7.54 3.23
CA GLY A 395 -32.44 -7.37 2.24
C GLY A 395 -33.14 -6.03 2.26
N ASP A 396 -32.44 -5.00 2.75
CA ASP A 396 -33.02 -3.66 2.84
C ASP A 396 -33.43 -3.16 1.46
N ALA A 397 -34.48 -2.35 1.41
CA ALA A 397 -35.00 -1.87 0.14
C ALA A 397 -34.03 -0.95 -0.60
N VAL A 398 -33.10 -0.34 0.14
CA VAL A 398 -32.17 0.62 -0.45
C VAL A 398 -30.71 0.16 -0.46
N TYR A 399 -30.24 -0.38 0.66
CA TYR A 399 -28.83 -0.74 0.85
C TYR A 399 -28.69 -2.25 0.99
N PRO A 400 -28.04 -2.90 0.01
CA PRO A 400 -27.99 -4.37 0.02
C PRO A 400 -26.87 -4.96 0.88
N GLY A 401 -27.04 -6.25 1.20
CA GLY A 401 -26.09 -6.97 2.03
C GLY A 401 -26.55 -7.06 3.47
N VAL A 402 -25.66 -7.53 4.35
CA VAL A 402 -25.92 -7.40 5.77
C VAL A 402 -25.42 -6.01 6.14
N VAL A 403 -26.33 -5.21 6.67
CA VAL A 403 -26.08 -3.77 6.82
C VAL A 403 -26.34 -3.31 8.24
N GLY A 404 -25.39 -2.57 8.80
CA GLY A 404 -25.61 -1.86 10.04
C GLY A 404 -25.82 -0.40 9.69
N LYS A 405 -26.98 0.14 10.00
CA LYS A 405 -27.29 1.52 9.65
C LYS A 405 -26.72 2.53 10.65
N SER A 406 -25.41 2.49 10.84
CA SER A 406 -24.69 3.39 11.71
C SER A 406 -23.25 3.46 11.21
N ALA A 407 -22.59 4.59 11.42
CA ALA A 407 -21.25 4.79 10.88
C ALA A 407 -20.18 3.97 11.58
N ILE A 408 -20.37 3.72 12.87
CA ILE A 408 -19.36 3.03 13.68
C ILE A 408 -19.91 1.73 14.26
N GLY A 409 -19.28 0.62 13.92
CA GLY A 409 -19.68 -0.67 14.47
C GLY A 409 -18.77 -1.78 14.01
N GLU A 410 -19.18 -3.02 14.26
CA GLU A 410 -18.33 -4.16 13.91
C GLU A 410 -19.00 -5.16 12.97
N THR A 411 -20.05 -4.69 12.30
CA THR A 411 -20.76 -5.48 11.29
C THR A 411 -19.83 -6.16 10.29
N SER A 412 -18.88 -5.39 9.75
CA SER A 412 -18.02 -5.91 8.69
C SER A 412 -16.95 -6.86 9.21
N TYR A 413 -16.58 -6.73 10.49
CA TYR A 413 -15.73 -7.72 11.12
C TYR A 413 -16.44 -9.05 11.14
N ARG A 414 -17.72 -9.04 11.55
CA ARG A 414 -18.47 -10.28 11.69
C ARG A 414 -18.59 -11.02 10.37
N GLY A 415 -18.89 -10.28 9.29
CA GLY A 415 -19.01 -10.91 7.98
C GLY A 415 -17.66 -11.40 7.45
N PHE A 416 -16.60 -10.65 7.72
CA PHE A 416 -15.26 -11.06 7.30
C PHE A 416 -14.89 -12.37 7.97
N TYR A 417 -15.07 -12.44 9.29
CA TYR A 417 -14.64 -13.62 10.02
C TYR A 417 -15.59 -14.80 9.85
N ARG A 418 -16.86 -14.55 9.54
CA ARG A 418 -17.77 -15.65 9.22
C ARG A 418 -17.27 -16.36 7.96
N ALA A 419 -16.92 -15.59 6.93
CA ALA A 419 -16.40 -16.19 5.70
C ALA A 419 -15.05 -16.87 5.93
N TYR A 420 -14.18 -16.22 6.71
CA TYR A 420 -12.88 -16.80 7.04
C TYR A 420 -13.03 -18.18 7.69
N GLN A 421 -13.91 -18.28 8.69
CA GLN A 421 -14.10 -19.56 9.39
C GLN A 421 -14.68 -20.60 8.45
N ALA A 422 -15.62 -20.19 7.60
CA ALA A 422 -16.20 -21.13 6.64
C ALA A 422 -15.15 -21.69 5.68
N HIS A 423 -14.21 -20.87 5.24
CA HIS A 423 -13.12 -21.35 4.40
C HIS A 423 -12.13 -22.24 5.14
N VAL A 424 -11.69 -21.81 6.31
CA VAL A 424 -10.69 -22.57 7.08
C VAL A 424 -11.17 -23.98 7.41
N SER A 425 -12.47 -24.13 7.60
CA SER A 425 -13.04 -25.44 7.97
C SER A 425 -13.54 -26.23 6.76
N SER A 426 -13.31 -25.72 5.56
CA SER A 426 -13.80 -26.37 4.33
C SER A 426 -12.65 -26.82 3.43
N SER A 427 -12.88 -27.88 2.65
CA SER A 427 -11.84 -28.44 1.79
C SER A 427 -11.91 -27.93 0.35
N ASN A 428 -13.00 -27.26 0.02
CA ASN A 428 -13.22 -26.81 -1.35
C ASN A 428 -14.37 -25.82 -1.38
N TRP A 429 -14.63 -25.25 -2.55
CA TRP A 429 -15.69 -24.26 -2.68
C TRP A 429 -17.08 -24.82 -2.36
N ALA A 430 -17.33 -26.08 -2.73
CA ALA A 430 -18.66 -26.66 -2.49
C ALA A 430 -18.93 -26.73 -0.99
N GLU A 431 -17.91 -27.10 -0.22
CA GLU A 431 -18.06 -27.12 1.24
C GLU A 431 -18.24 -25.70 1.80
N PHE A 432 -17.52 -24.72 1.25
CA PHE A 432 -17.74 -23.34 1.71
C PHE A 432 -19.20 -22.93 1.48
N GLU A 433 -19.74 -23.28 0.32
CA GLU A 433 -21.11 -22.91 -0.01
C GLU A 433 -22.08 -23.58 0.96
N HIS A 434 -21.84 -24.85 1.26
CA HIS A 434 -22.69 -25.56 2.21
C HIS A 434 -22.62 -24.91 3.58
N ALA A 435 -21.43 -24.45 3.96
CA ALA A 435 -21.21 -23.80 5.26
C ALA A 435 -21.75 -22.37 5.29
N SER A 436 -22.22 -21.88 4.15
CA SER A 436 -22.62 -20.48 4.04
C SER A 436 -24.06 -20.29 3.59
N SER A 437 -24.84 -21.37 3.57
CA SER A 437 -26.20 -21.30 3.03
C SER A 437 -27.16 -20.48 3.89
N THR A 438 -26.77 -20.21 5.14
CA THR A 438 -27.56 -19.34 6.01
C THR A 438 -26.71 -18.19 6.54
N TRP A 439 -25.81 -17.68 5.70
CA TRP A 439 -24.85 -16.68 6.13
C TRP A 439 -25.49 -15.39 6.68
N HIS A 440 -26.51 -14.87 6.01
CA HIS A 440 -27.06 -13.60 6.47
C HIS A 440 -27.90 -13.77 7.73
N THR A 441 -28.62 -14.89 7.83
CA THR A 441 -29.36 -15.21 9.04
C THR A 441 -28.44 -15.31 10.26
N GLU A 442 -27.28 -15.94 10.09
CA GLU A 442 -26.33 -16.03 11.18
C GLU A 442 -25.86 -14.65 11.63
N LEU A 443 -25.63 -13.75 10.67
CA LEU A 443 -25.11 -12.43 11.01
C LEU A 443 -26.16 -11.48 11.62
N THR A 444 -27.44 -11.72 11.33
CA THR A 444 -28.50 -10.82 11.82
C THR A 444 -29.26 -11.31 13.06
N LYS A 445 -28.81 -12.43 13.64
CA LYS A 445 -29.41 -12.95 14.89
C LYS A 445 -29.54 -11.93 16.02
N THR A 446 -30.41 -12.25 16.97
CA THR A 446 -30.60 -11.48 18.20
C THR A 446 -30.96 -10.02 17.93
N ILE B 3 32.78 11.60 -16.93
CA ILE B 3 32.35 10.22 -17.18
C ILE B 3 31.66 10.08 -18.53
N ASN B 4 32.07 9.10 -19.31
CA ASN B 4 31.41 8.74 -20.56
C ASN B 4 30.45 7.58 -20.29
N ILE B 5 29.14 7.85 -20.28
CA ILE B 5 28.17 6.83 -19.90
C ILE B 5 27.90 5.82 -21.02
N GLN B 6 28.40 6.09 -22.21
CA GLN B 6 28.37 5.09 -23.26
C GLN B 6 29.40 4.00 -22.96
N GLU B 7 30.51 4.38 -22.36
CA GLU B 7 31.54 3.41 -21.95
C GLU B 7 31.26 2.83 -20.57
N ASP B 8 30.98 3.69 -19.59
CA ASP B 8 30.65 3.26 -18.22
C ASP B 8 29.16 2.90 -18.22
N LYS B 9 28.87 1.69 -18.69
CA LYS B 9 27.51 1.27 -19.02
C LYS B 9 26.52 1.32 -17.87
N LEU B 10 27.00 1.24 -16.64
CA LEU B 10 26.12 1.18 -15.48
C LEU B 10 25.75 2.55 -14.90
N VAL B 11 26.33 3.61 -15.45
CA VAL B 11 26.16 4.96 -14.88
C VAL B 11 24.99 5.70 -15.52
N SER B 12 24.13 6.27 -14.68
CA SER B 12 22.99 7.03 -15.18
C SER B 12 23.43 8.44 -15.58
N ALA B 13 22.72 9.04 -16.51
CA ALA B 13 23.02 10.42 -16.92
C ALA B 13 23.00 11.36 -15.71
N HIS B 14 22.01 11.19 -14.84
CA HIS B 14 21.89 12.02 -13.66
C HIS B 14 23.11 11.90 -12.75
N ASP B 15 23.54 10.67 -12.50
CA ASP B 15 24.69 10.45 -11.62
C ASP B 15 25.95 11.05 -12.21
N ALA B 16 26.13 10.93 -13.53
CA ALA B 16 27.28 11.50 -14.22
C ALA B 16 27.30 13.03 -14.08
N GLU B 17 26.12 13.65 -14.19
CA GLU B 17 26.02 15.10 -14.09
C GLU B 17 26.39 15.56 -12.68
N GLU B 18 25.93 14.80 -11.69
CA GLU B 18 26.19 15.18 -10.31
C GLU B 18 27.67 15.06 -9.95
N ILE B 19 28.33 14.04 -10.50
CA ILE B 19 29.78 13.87 -10.36
C ILE B 19 30.54 15.11 -10.81
N LEU B 20 30.21 15.56 -12.02
CA LEU B 20 30.94 16.65 -12.66
C LEU B 20 30.96 17.90 -11.78
N ARG B 21 29.89 18.08 -11.03
CA ARG B 21 29.71 19.24 -10.17
C ARG B 21 30.81 19.38 -9.13
N PHE B 22 31.29 18.25 -8.60
CA PHE B 22 32.20 18.27 -7.46
C PHE B 22 33.65 18.07 -7.85
N PHE B 23 33.87 17.42 -8.99
CA PHE B 23 35.22 17.09 -9.41
C PHE B 23 36.00 18.33 -9.87
N ASN B 24 35.27 19.36 -10.26
CA ASN B 24 35.89 20.59 -10.76
C ASN B 24 36.46 21.50 -9.68
N CYS B 25 35.80 22.63 -9.44
CA CYS B 25 36.32 23.65 -8.54
C CYS B 25 36.19 23.28 -7.07
N HIS B 26 37.21 22.63 -6.52
CA HIS B 26 37.18 22.25 -5.11
C HIS B 26 37.50 23.43 -4.21
N ASP B 27 36.61 23.69 -3.26
CA ASP B 27 36.75 24.80 -2.32
C ASP B 27 36.75 24.17 -0.93
N SER B 28 37.93 24.06 -0.31
CA SER B 28 38.04 23.38 0.98
C SER B 28 37.21 24.05 2.07
N ALA B 29 37.17 25.37 2.06
CA ALA B 29 36.40 26.13 3.03
C ALA B 29 34.92 25.78 2.94
N LEU B 30 34.44 25.59 1.71
CA LEU B 30 33.06 25.26 1.47
C LEU B 30 32.72 23.87 2.01
N GLN B 31 33.66 22.93 1.87
CA GLN B 31 33.40 21.57 2.34
C GLN B 31 33.26 21.59 3.86
N GLN B 32 34.05 22.43 4.51
CA GLN B 32 33.99 22.56 5.96
C GLN B 32 32.70 23.25 6.42
N GLU B 33 32.31 24.32 5.75
CA GLU B 33 31.01 24.96 6.04
C GLU B 33 29.88 23.95 5.91
N ALA B 34 29.89 23.19 4.82
CA ALA B 34 28.85 22.19 4.57
C ALA B 34 28.84 21.13 5.68
N THR B 35 30.02 20.72 6.13
CA THR B 35 30.10 19.71 7.19
C THR B 35 29.45 20.24 8.46
N THR B 36 29.75 21.49 8.81
CA THR B 36 29.15 22.13 9.97
C THR B 36 27.63 22.21 9.85
N LEU B 37 27.15 22.68 8.70
CA LEU B 37 25.72 22.83 8.44
C LEU B 37 25.01 21.50 8.65
N LEU B 38 25.58 20.44 8.10
CA LEU B 38 24.92 19.13 8.15
C LEU B 38 25.01 18.49 9.52
N THR B 39 26.13 18.70 10.21
CA THR B 39 26.28 18.15 11.56
C THR B 39 25.29 18.82 12.51
N GLN B 40 25.14 20.12 12.38
CA GLN B 40 24.19 20.84 13.23
C GLN B 40 22.76 20.45 12.93
N GLU B 41 22.44 20.29 11.65
CA GLU B 41 21.11 19.82 11.25
C GLU B 41 20.82 18.45 11.87
N ALA B 42 21.78 17.53 11.76
CA ALA B 42 21.60 16.18 12.29
C ALA B 42 21.47 16.18 13.81
N HIS B 43 22.17 17.08 14.48
CA HIS B 43 22.08 17.21 15.93
C HIS B 43 20.66 17.62 16.34
N LEU B 44 20.12 18.65 15.68
CA LEU B 44 18.75 19.10 15.94
C LEU B 44 17.73 17.98 15.72
N LEU B 45 17.88 17.26 14.61
CA LEU B 45 16.98 16.14 14.35
C LEU B 45 17.12 15.03 15.39
N ASP B 46 18.35 14.71 15.77
CA ASP B 46 18.60 13.62 16.71
C ASP B 46 17.96 13.87 18.08
N ILE B 47 17.93 15.13 18.52
CA ILE B 47 17.34 15.44 19.82
C ILE B 47 15.85 15.78 19.67
N GLN B 48 15.33 15.59 18.45
CA GLN B 48 13.92 15.77 18.14
C GLN B 48 13.47 17.19 18.31
N ALA B 49 14.38 18.12 18.05
CA ALA B 49 14.07 19.54 18.02
C ALA B 49 13.54 19.91 16.64
N TYR B 50 12.37 19.36 16.31
CA TYR B 50 11.82 19.52 14.97
C TYR B 50 11.43 20.96 14.64
N ARG B 51 10.92 21.72 15.61
CA ARG B 51 10.60 23.11 15.33
C ARG B 51 11.86 23.91 15.05
N ALA B 52 12.89 23.69 15.87
CA ALA B 52 14.18 24.33 15.65
C ALA B 52 14.76 23.96 14.29
N TRP B 53 14.60 22.70 13.89
CA TRP B 53 15.05 22.26 12.57
C TRP B 53 14.37 23.06 11.47
N LEU B 54 13.04 23.20 11.56
CA LEU B 54 12.32 24.01 10.56
C LEU B 54 12.80 25.45 10.57
N GLU B 55 12.95 26.03 11.74
CA GLU B 55 13.28 27.45 11.85
C GLU B 55 14.71 27.75 11.39
N HIS B 56 15.62 26.84 11.68
CA HIS B 56 17.03 27.12 11.49
C HIS B 56 17.62 26.46 10.23
N CYS B 57 16.99 25.38 9.76
CA CYS B 57 17.60 24.59 8.71
C CYS B 57 16.83 24.50 7.41
N VAL B 58 15.55 24.85 7.44
CA VAL B 58 14.67 24.57 6.29
C VAL B 58 14.13 25.85 5.67
N GLY B 59 14.39 26.04 4.38
CA GLY B 59 13.96 27.24 3.68
C GLY B 59 12.49 27.22 3.32
N SER B 60 11.88 28.39 3.23
CA SER B 60 10.45 28.48 2.96
C SER B 60 10.07 27.84 1.61
N GLU B 61 11.01 27.83 0.67
CA GLU B 61 10.75 27.28 -0.67
C GLU B 61 11.18 25.83 -0.84
N VAL B 62 11.40 25.14 0.28
CA VAL B 62 11.95 23.78 0.23
C VAL B 62 11.08 22.80 -0.55
N GLN B 63 11.76 21.91 -1.28
CA GLN B 63 11.18 20.63 -1.71
C GLN B 63 11.99 19.53 -1.04
N TYR B 64 11.32 18.74 -0.21
CA TYR B 64 11.95 17.67 0.55
C TYR B 64 11.40 16.36 0.00
N GLN B 65 12.24 15.64 -0.76
CA GLN B 65 11.76 14.54 -1.58
C GLN B 65 12.59 13.27 -1.38
N VAL B 66 11.89 12.16 -1.12
CA VAL B 66 12.50 10.85 -1.05
C VAL B 66 11.68 9.95 -1.96
N ILE B 67 12.32 9.36 -2.97
CA ILE B 67 11.60 8.48 -3.90
C ILE B 67 11.92 7.00 -3.71
N SER B 68 11.00 6.16 -4.15
CA SER B 68 11.25 4.74 -4.26
C SER B 68 11.02 4.35 -5.70
N ARG B 69 12.07 3.84 -6.34
CA ARG B 69 12.08 3.57 -7.76
C ARG B 69 11.73 2.11 -8.03
N GLU B 70 10.80 1.88 -8.95
CA GLU B 70 10.42 0.52 -9.30
C GLU B 70 11.59 -0.22 -9.96
N LEU B 71 11.75 -1.50 -9.61
CA LEU B 71 12.81 -2.32 -10.18
C LEU B 71 12.46 -2.67 -11.62
N ARG B 72 13.31 -2.26 -12.55
CA ARG B 72 13.10 -2.50 -13.97
C ARG B 72 14.33 -3.15 -14.56
N ALA B 73 14.18 -3.77 -15.73
CA ALA B 73 15.30 -4.45 -16.38
C ALA B 73 16.36 -3.44 -16.81
N ALA B 74 17.63 -3.79 -16.67
CA ALA B 74 18.70 -2.90 -17.10
C ALA B 74 18.57 -2.59 -18.60
N SER B 75 18.03 -3.53 -19.36
CA SER B 75 17.88 -3.38 -20.81
C SER B 75 16.54 -2.78 -21.23
N GLU B 76 15.69 -2.45 -20.26
CA GLU B 76 14.34 -1.95 -20.57
C GLU B 76 14.36 -0.62 -21.33
N ARG B 77 13.56 -0.54 -22.39
CA ARG B 77 13.43 0.70 -23.15
C ARG B 77 12.05 0.90 -23.79
N ARG B 78 11.10 0.03 -23.49
CA ARG B 78 9.74 0.21 -24.01
C ARG B 78 8.76 0.67 -22.94
N TYR B 79 8.83 0.06 -21.76
CA TYR B 79 7.89 0.34 -20.67
C TYR B 79 8.17 1.72 -20.08
N LYS B 80 7.18 2.61 -20.17
CA LYS B 80 7.37 4.05 -19.96
C LYS B 80 6.66 4.66 -18.77
N LEU B 81 5.90 3.86 -18.02
CA LEU B 81 5.06 4.40 -16.96
C LEU B 81 5.88 4.86 -15.76
N ASN B 82 5.23 5.66 -14.89
CA ASN B 82 5.84 6.26 -13.70
C ASN B 82 6.93 5.36 -13.11
N GLU B 83 8.16 5.86 -13.12
CA GLU B 83 9.30 5.07 -12.65
C GLU B 83 9.41 5.00 -11.13
N ALA B 84 8.86 6.01 -10.45
CA ALA B 84 9.06 6.12 -9.01
C ALA B 84 7.81 6.66 -8.34
N MET B 85 7.68 6.35 -7.05
CA MET B 85 6.70 7.04 -6.22
C MET B 85 7.41 7.91 -5.18
N ASN B 86 6.67 8.85 -4.61
CA ASN B 86 7.24 9.76 -3.61
C ASN B 86 6.90 9.29 -2.20
N VAL B 87 7.91 8.79 -1.49
CA VAL B 87 7.78 8.49 -0.07
C VAL B 87 7.58 9.81 0.68
N TYR B 88 8.39 10.81 0.32
CA TYR B 88 8.19 12.20 0.71
C TYR B 88 8.24 13.06 -0.54
N ASN B 89 7.43 14.11 -0.59
CA ASN B 89 7.59 15.17 -1.58
C ASN B 89 6.93 16.42 -1.03
N GLU B 90 7.62 17.03 -0.06
CA GLU B 90 7.00 17.98 0.85
C GLU B 90 7.46 19.41 0.61
N ASN B 91 6.51 20.33 0.62
CA ASN B 91 6.83 21.75 0.74
C ASN B 91 6.93 22.11 2.24
N PHE B 92 7.20 23.37 2.55
CA PHE B 92 7.38 23.77 3.93
C PHE B 92 6.15 23.48 4.79
N GLN B 93 4.97 23.83 4.29
CA GLN B 93 3.75 23.60 5.07
C GLN B 93 3.53 22.11 5.33
N GLN B 94 3.88 21.26 4.36
CA GLN B 94 3.74 19.83 4.54
C GLN B 94 4.74 19.28 5.56
N LEU B 95 5.96 19.80 5.55
CA LEU B 95 6.91 19.45 6.60
C LEU B 95 6.38 19.90 7.97
N LYS B 96 5.76 21.08 8.01
CA LYS B 96 5.21 21.56 9.28
C LYS B 96 4.11 20.63 9.82
N VAL B 97 3.25 20.14 8.94
CA VAL B 97 2.22 19.17 9.34
C VAL B 97 2.87 17.94 9.97
N ARG B 98 3.93 17.44 9.35
CA ARG B 98 4.61 16.26 9.89
C ARG B 98 5.26 16.56 11.23
N VAL B 99 5.81 17.78 11.38
CA VAL B 99 6.40 18.19 12.64
C VAL B 99 5.34 18.29 13.73
N GLU B 100 4.17 18.85 13.40
CA GLU B 100 3.09 18.92 14.40
C GLU B 100 2.60 17.53 14.79
N HIS B 101 2.59 16.62 13.84
CA HIS B 101 2.20 15.24 14.12
C HIS B 101 3.19 14.60 15.09
N GLN B 102 4.49 14.85 14.91
CA GLN B 102 5.50 14.36 15.85
C GLN B 102 5.32 14.92 17.25
N LEU B 103 4.92 16.19 17.35
CA LEU B 103 4.90 16.87 18.65
C LEU B 103 3.57 16.73 19.38
N ASP B 104 2.57 16.17 18.70
CA ASP B 104 1.22 16.09 19.26
C ASP B 104 1.24 15.14 20.47
N PRO B 105 0.67 15.57 21.60
CA PRO B 105 0.70 14.71 22.79
C PRO B 105 -0.17 13.46 22.66
N GLN B 106 -0.95 13.35 21.59
CA GLN B 106 -1.72 12.13 21.35
C GLN B 106 -1.11 11.29 20.23
N ASN B 107 0.13 11.60 19.87
CA ASN B 107 0.87 10.67 19.04
C ASN B 107 1.38 9.55 19.93
N TRP B 108 0.56 8.50 20.05
CA TRP B 108 0.81 7.43 21.01
C TRP B 108 2.13 6.72 20.77
N GLY B 109 2.54 6.65 19.51
CA GLY B 109 3.75 5.94 19.15
C GLY B 109 5.03 6.60 19.65
N ASN B 110 4.92 7.84 20.09
CA ASN B 110 6.08 8.55 20.59
C ASN B 110 6.26 8.46 22.10
N SER B 111 5.53 7.57 22.74
CA SER B 111 5.69 7.31 24.18
C SER B 111 5.83 5.81 24.35
N PRO B 112 6.97 5.36 24.90
CA PRO B 112 8.10 6.14 25.42
C PRO B 112 8.87 6.81 24.29
N LYS B 113 9.61 7.86 24.64
CA LYS B 113 10.30 8.69 23.66
C LYS B 113 11.25 7.87 22.79
N LEU B 114 11.23 8.16 21.49
CA LEU B 114 12.13 7.50 20.53
C LEU B 114 13.57 7.93 20.76
N ARG B 115 14.50 7.16 20.22
CA ARG B 115 15.91 7.54 20.25
C ARG B 115 16.50 7.52 18.86
N PHE B 116 17.05 8.64 18.45
CA PHE B 116 17.66 8.80 17.13
C PHE B 116 19.15 9.06 17.23
N THR B 117 19.90 8.44 16.34
CA THR B 117 21.33 8.72 16.19
C THR B 117 21.66 8.75 14.70
N ARG B 118 22.20 9.86 14.22
CA ARG B 118 22.53 10.03 12.81
C ARG B 118 24.03 10.11 12.57
N PHE B 119 24.48 9.48 11.49
CA PHE B 119 25.88 9.49 11.13
C PHE B 119 25.99 10.07 9.71
N ILE B 120 26.58 11.25 9.60
CA ILE B 120 26.69 11.94 8.32
C ILE B 120 28.12 11.84 7.83
N THR B 121 28.30 11.36 6.60
CA THR B 121 29.65 11.18 6.05
C THR B 121 29.72 11.61 4.58
N ASN B 122 30.92 11.54 4.01
CA ASN B 122 31.11 11.76 2.57
C ASN B 122 30.58 13.11 2.09
N VAL B 123 30.80 14.15 2.88
CA VAL B 123 30.30 15.48 2.53
C VAL B 123 31.08 16.08 1.36
N GLN B 124 30.35 16.54 0.34
CA GLN B 124 30.93 17.29 -0.76
C GLN B 124 30.10 18.55 -0.96
N ALA B 125 30.75 19.64 -1.38
CA ALA B 125 30.06 20.90 -1.58
C ALA B 125 30.60 21.65 -2.80
N ALA B 126 29.71 22.27 -3.54
CA ALA B 126 30.11 23.06 -4.71
C ALA B 126 29.06 24.12 -4.95
N MET B 127 29.50 25.35 -5.20
CA MET B 127 28.56 26.41 -5.56
C MET B 127 27.96 26.14 -6.93
N ASP B 128 26.68 26.46 -7.09
CA ASP B 128 26.04 26.41 -8.39
C ASP B 128 26.75 27.35 -9.36
N VAL B 129 26.85 26.91 -10.61
CA VAL B 129 27.55 27.65 -11.65
C VAL B 129 26.82 28.95 -12.01
N ASN B 130 25.49 28.88 -12.02
CA ASN B 130 24.66 29.98 -12.51
C ASN B 130 24.00 30.80 -11.41
N ASP B 131 23.64 30.14 -10.32
CA ASP B 131 23.13 30.83 -9.15
C ASP B 131 24.25 30.84 -8.11
N LYS B 132 25.01 31.93 -8.07
CA LYS B 132 26.16 32.03 -7.18
C LYS B 132 25.77 32.04 -5.71
N GLU B 133 24.48 32.01 -5.43
CA GLU B 133 24.00 31.90 -4.05
C GLU B 133 23.42 30.53 -3.73
N LEU B 134 23.50 29.62 -4.69
CA LEU B 134 22.99 28.27 -4.50
C LEU B 134 24.12 27.30 -4.22
N LEU B 135 24.08 26.66 -3.05
CA LEU B 135 25.12 25.71 -2.68
C LEU B 135 24.63 24.27 -2.83
N HIS B 136 25.32 23.50 -3.66
CA HIS B 136 25.04 22.05 -3.75
C HIS B 136 25.84 21.32 -2.68
N ILE B 137 25.16 20.50 -1.90
CA ILE B 137 25.82 19.66 -0.90
C ILE B 137 25.37 18.22 -1.08
N ARG B 138 26.33 17.31 -1.17
CA ARG B 138 26.04 15.88 -1.18
C ARG B 138 26.58 15.27 0.10
N SER B 139 25.81 14.35 0.68
CA SER B 139 26.28 13.65 1.87
C SER B 139 25.50 12.36 2.02
N ASN B 140 26.11 11.41 2.73
CA ASN B 140 25.45 10.14 3.02
C ASN B 140 25.07 10.06 4.49
N VAL B 141 23.95 9.39 4.78
CA VAL B 141 23.46 9.26 6.15
C VAL B 141 23.19 7.80 6.53
N ILE B 142 23.66 7.42 7.71
CA ILE B 142 23.14 6.25 8.40
C ILE B 142 22.29 6.79 9.53
N LEU B 143 21.05 6.35 9.60
CA LEU B 143 20.12 6.83 10.63
C LEU B 143 19.63 5.63 11.43
N HIS B 144 19.89 5.67 12.74
CA HIS B 144 19.54 4.61 13.67
C HIS B 144 18.37 5.09 14.53
N ARG B 145 17.26 4.34 14.50
CA ARG B 145 16.08 4.66 15.32
C ARG B 145 15.79 3.48 16.25
N ALA B 146 15.76 3.75 17.54
CA ALA B 146 15.48 2.71 18.53
C ALA B 146 14.26 3.08 19.34
N ARG B 147 13.39 2.10 19.56
CA ARG B 147 12.20 2.37 20.34
C ARG B 147 11.69 1.09 21.00
N ARG B 148 10.97 1.27 22.11
CA ARG B 148 10.19 0.22 22.72
C ARG B 148 10.96 -1.06 23.05
N GLY B 149 12.16 -0.85 23.58
CA GLY B 149 12.94 -1.94 24.15
C GLY B 149 13.82 -2.62 23.12
N ASN B 150 13.20 -3.17 22.09
CA ASN B 150 13.96 -4.00 21.15
C ASN B 150 13.67 -3.76 19.67
N GLN B 151 13.05 -2.62 19.37
CA GLN B 151 12.87 -2.26 17.97
C GLN B 151 14.04 -1.39 17.53
N VAL B 152 14.72 -1.83 16.48
CA VAL B 152 15.89 -1.11 15.96
C VAL B 152 15.80 -1.08 14.45
N ASP B 153 15.79 0.13 13.89
CA ASP B 153 15.71 0.31 12.46
C ASP B 153 16.85 1.19 11.99
N VAL B 154 17.56 0.71 10.98
CA VAL B 154 18.69 1.46 10.45
C VAL B 154 18.46 1.77 8.98
N PHE B 155 18.59 3.06 8.67
CA PHE B 155 18.37 3.58 7.32
C PHE B 155 19.69 4.04 6.73
N TYR B 156 19.83 3.88 5.41
CA TYR B 156 21.06 4.20 4.69
C TYR B 156 20.66 4.97 3.44
N ALA B 157 21.29 6.12 3.17
CA ALA B 157 20.93 6.90 1.99
C ALA B 157 21.96 7.93 1.61
N ALA B 158 21.95 8.29 0.32
CA ALA B 158 22.70 9.42 -0.20
C ALA B 158 21.74 10.60 -0.39
N ARG B 159 22.19 11.78 0.00
CA ARG B 159 21.36 12.98 -0.10
C ARG B 159 21.95 14.00 -1.05
N GLU B 160 21.14 14.40 -2.03
CA GLU B 160 21.51 15.49 -2.93
C GLU B 160 20.77 16.73 -2.49
N ASP B 161 21.47 17.67 -1.87
CA ASP B 161 20.86 18.88 -1.34
C ASP B 161 21.23 20.11 -2.13
N LYS B 162 20.33 21.09 -2.08
CA LYS B 162 20.66 22.48 -2.39
C LYS B 162 20.34 23.33 -1.17
N TRP B 163 21.28 24.19 -0.78
CA TRP B 163 21.13 25.08 0.36
C TRP B 163 21.33 26.51 -0.10
N LYS B 164 20.61 27.44 0.50
CA LYS B 164 20.69 28.83 0.08
C LYS B 164 20.55 29.77 1.28
N ARG B 165 21.26 30.90 1.26
CA ARG B 165 21.13 31.88 2.34
C ARG B 165 19.74 32.49 2.41
N GLY B 166 19.13 32.42 3.59
CA GLY B 166 17.78 32.93 3.80
C GLY B 166 17.75 34.04 4.83
N GLU B 167 16.76 33.99 5.72
CA GLU B 167 16.61 35.01 6.76
C GLU B 167 17.87 35.11 7.61
N GLY B 168 18.34 36.34 7.79
CA GLY B 168 19.51 36.61 8.62
C GLY B 168 20.81 36.08 8.05
N GLY B 169 20.79 35.70 6.78
CA GLY B 169 21.99 35.19 6.13
C GLY B 169 22.28 33.72 6.45
N VAL B 170 21.34 33.07 7.12
CA VAL B 170 21.51 31.68 7.50
C VAL B 170 21.25 30.76 6.31
N ARG B 171 22.21 29.89 5.99
CA ARG B 171 22.02 28.92 4.91
C ARG B 171 20.98 27.89 5.28
N LYS B 172 19.97 27.72 4.43
CA LYS B 172 18.91 26.76 4.70
C LYS B 172 18.66 25.82 3.53
N LEU B 173 18.12 24.66 3.85
CA LEU B 173 17.83 23.64 2.86
C LEU B 173 16.69 24.08 1.94
N VAL B 174 16.94 24.16 0.63
CA VAL B 174 15.88 24.48 -0.33
C VAL B 174 15.48 23.29 -1.19
N GLN B 175 16.33 22.25 -1.23
CA GLN B 175 15.95 21.00 -1.86
C GLN B 175 16.74 19.87 -1.25
N ARG B 176 16.06 18.79 -0.90
CA ARG B 176 16.73 17.52 -0.61
C ARG B 176 16.10 16.47 -1.50
N PHE B 177 16.95 15.69 -2.16
CA PHE B 177 16.50 14.58 -2.98
C PHE B 177 17.23 13.33 -2.54
N VAL B 178 16.45 12.29 -2.21
CA VAL B 178 16.99 10.99 -1.88
C VAL B 178 16.30 9.96 -2.75
N ASP B 179 17.09 9.11 -3.40
CA ASP B 179 16.58 7.95 -4.13
C ASP B 179 16.84 6.77 -3.21
N TYR B 180 15.83 6.33 -2.48
CA TYR B 180 16.08 5.38 -1.38
C TYR B 180 16.57 4.04 -1.92
N PRO B 181 17.68 3.52 -1.38
CA PRO B 181 18.33 2.40 -2.09
C PRO B 181 17.66 1.04 -1.90
N GLU B 182 16.86 0.87 -0.84
CA GLU B 182 16.17 -0.40 -0.64
C GLU B 182 14.73 -0.28 -1.16
N ARG B 183 14.34 -1.17 -2.06
CA ARG B 183 13.02 -1.08 -2.67
C ARG B 183 11.91 -1.44 -1.70
N ILE B 184 12.07 -2.55 -0.98
CA ILE B 184 11.09 -2.95 0.03
C ILE B 184 11.66 -2.61 1.41
N LEU B 185 11.02 -1.70 2.12
CA LEU B 185 11.54 -1.30 3.43
C LEU B 185 11.39 -2.42 4.47
N GLN B 186 12.44 -2.59 5.28
CA GLN B 186 12.47 -3.60 6.33
C GLN B 186 12.62 -2.91 7.68
N THR B 187 12.06 -1.70 7.76
CA THR B 187 12.21 -0.83 8.92
C THR B 187 10.84 -0.40 9.49
N HIS B 188 9.79 -1.18 9.18
CA HIS B 188 8.39 -0.91 9.60
C HIS B 188 7.75 0.28 8.87
N ASN B 189 8.54 1.32 8.62
CA ASN B 189 8.08 2.50 7.88
C ASN B 189 9.30 3.35 7.54
N LEU B 190 9.09 4.46 6.83
CA LEU B 190 10.16 5.42 6.58
C LEU B 190 9.85 6.75 7.28
N MET B 191 9.28 6.67 8.47
CA MET B 191 8.86 7.85 9.23
C MET B 191 10.03 8.51 9.95
N VAL B 192 11.11 8.79 9.21
CA VAL B 192 12.27 9.50 9.76
C VAL B 192 12.64 10.56 8.74
N PHE B 193 13.21 11.67 9.22
CA PHE B 193 13.72 12.69 8.33
C PHE B 193 15.15 12.36 7.95
N LEU B 194 15.33 11.87 6.73
CA LEU B 194 16.65 11.62 6.20
C LEU B 194 17.30 12.93 5.86
#